data_9LWQ
#
_entry.id   9LWQ
#
loop_
_entity.id
_entity.type
_entity.pdbx_description
1 polymer 'Phosphatidylinositol 4,5-bisphosphate 3-kinase catalytic subunit alpha isoform'
2 polymer 'Phosphatidylinositol 3-kinase regulatory subunit alpha'
3 non-polymer 1-[7-[[2-[[4-(4-ethylpiperazin-1-yl)phenyl]amino]pyridin-4-yl]amino]-2,3-dihydroindol-1-yl]ethanone
#
loop_
_entity_poly.entity_id
_entity_poly.type
_entity_poly.pdbx_seq_one_letter_code
_entity_poly.pdbx_strand_id
1 'polypeptide(L)'
;MSYYHHHHHHDYDIPTTENLYFQGAMGSMPPRPSSGELWGIHLMPPRILVECLLPNGMIVTLECLREATLITIKHELFKE
ARKYPLHQLLQDESSYIFVSVTQEAEREEFFDETRRLCDLRLFQPFLKVIEPVGNREEKILNREIGFAIGMPVCEFDMVK
DPEVQDFRRNILNVCKEAVDLRDLNSPHSRAMYVYPPNVESSPELPKHIYNKLDKGQIIVVIWVIVSPNNDKQKYTLKIN
HDCVPEQVIAEAIRKKTRSMLLSSEQLKLCVLEYQGKYILKVCGCDEYFLEKYPLSQYKYIRSCIMLGRMPNLMLMAKES
LYSQLPMDCFTMPSYSRRISTATPYMNGETSTKSLWVINSALRIKILCATYVNVNIRDIDKIYVRTGIYHGGEPLCDNVN
TQRVPCSNPRWNEWLNYDIYIPDLPRAARLCLSICSVKGRKGAKEEHCPLAWGNINLFDYTDTLVSGKMALNLWPVPHGL
EDLLNPIGVTGSNPNKETPCLELEFDWFSSVVKFPDMSVIEEHANWSVSREAGFSYSHAGLSNRLARDNELRENDKEQLK
AISTRDPLSEITEQEKDFLWSHRHYCVTIPEILPKLLLSVKWNSRDEVAQMYCLVKDWPPIKPEQAMELLDCNYPDPMVR
GFAVRCLEKYLTDDKLSQYLIQLVQVLKYEQYLDNLLVRFLLKKALTNQRIGHFFFWHLKSEMHNKTVSQRFGLLLESYC
RACGMYLKHLNRQVEAMEKLINLTDILKQEKKDETQKVQMKFLVEQMRRPDFMDALQGFLSPLNPAHQLGNLRLEECRIM
SSAKRPLWLNWENPDIMSELLFQNNEIIFKNGDDLRQDMLTLQIIRIMENIWQNQGLDLRMLPYGCLSIGDCVGLIEVVR
NSHTIMQIQCKGGLKGALQFNSHTLHQWLKDKNKGEIYDAAIDLFTRSCAGYCVATFILGIGDRHNSNIMVKDDGQLFHI
DFGHFLDHKKKKFGYKRERVPFVLTQDFLIVISKGAQECTKTREFERFQEMCYKAYLAIRQHANLFINLFSMMLGSGMPE
LQSFDDIAYIRKTLALDKTEQEALEYFMKQMNDAHHGGWTTKMDWIFHTIKQHALN
;
A
2 'polypeptide(L)'
;MAEGYQYRALYDYKKEREEDIDLHLGDILTVNKGSLVALGFSDGQEARPEEIGWLNGYNETTGERGDFPGTYVEYIGRKK
ISPPTPKPRPPRPLPVAPGSSKTEADVEQQALTLPDLAEQFAPPDIAPPLLIKLVEAIEKKGLECSTLYRTQSSSNLAEL
RQLLDCDTPSVDLEMIDVHVLADAFKRYLLDLPNPVIPAAVYSEMISLAPEVQSSEEYIQLLKKLIRSPSIPHQYWLTLQ
YLLKHFFKLSQTSSKNLLNARVLSEIFSPMLFRFSAASSDNTENLIKVIEILISTEWNERQPAPALPPKPPKPTTVANNG
MNNNMSLQDAEWYWGDISREEVNEKLRDTADGTFLVRDASTKMHGDYTLTLRKGGNNKLIKIFHRDGKYGFSDPLTFSSV
VELINHYRNESLAQYNPKLDVKLLYPVSKYQQDQVVKEDNIEAVGKKLHEYNTQFQEKSREYDRLYEEYTRTSQEIQMKR
TAIEAFNETIKIFEEQCQTQERYSKEYIEKFKREGNEKEIQRIMHNYDKLKSRISEIIDSRRRLEEDLKKQAAEYREIDK
RMNSIKPDLIQLRKTRDQYLMWLTQKGVRQKKLNEWLGNENTEDQYSLVEDDEDLPHHDEKTWNVGSSNRNKAENLLRGK
RDGTFLVRESSKQGCYACSVVVDGEVKHCVINKTATGYGFAEPYNLYSSLKELVLHYQHTSLVQHNDSLNVTLAYPVYAQ
QRR
;
B
#
loop_
_chem_comp.id
_chem_comp.type
_chem_comp.name
_chem_comp.formula
QIH non-polymer 1-[7-[[2-[[4-(4-ethylpiperazin-1-yl)phenyl]amino]pyridin-4-yl]amino]-2,3-dihydroindol-1-yl]ethanone 'C27 H32 N6 O'
#
# COMPACT_ATOMS: atom_id res chain seq x y z
N PRO A 46 -11.73 5.07 -38.62
CA PRO A 46 -11.78 5.11 -40.08
C PRO A 46 -10.43 5.47 -40.70
N ARG A 47 -10.47 6.10 -41.87
CA ARG A 47 -9.23 6.52 -42.53
C ARG A 47 -8.53 7.59 -41.70
N ILE A 48 -7.29 7.29 -41.28
CA ILE A 48 -6.54 8.19 -40.41
C ILE A 48 -5.37 8.85 -41.13
N LEU A 49 -5.07 8.46 -42.37
CA LEU A 49 -4.00 9.08 -43.15
C LEU A 49 -2.65 8.96 -42.41
N VAL A 50 -2.21 7.71 -42.25
CA VAL A 50 -0.93 7.46 -41.60
C VAL A 50 0.21 7.84 -42.54
N GLU A 51 1.36 8.16 -41.96
CA GLU A 51 2.57 8.46 -42.70
C GLU A 51 3.54 7.29 -42.59
N CYS A 52 4.18 6.96 -43.72
CA CYS A 52 5.12 5.85 -43.78
C CYS A 52 6.45 6.36 -44.29
N LEU A 53 7.52 6.00 -43.58
CA LEU A 53 8.89 6.42 -43.90
C LEU A 53 9.65 5.18 -44.36
N LEU A 54 9.72 4.99 -45.67
CA LEU A 54 10.42 3.85 -46.23
C LEU A 54 11.92 4.03 -46.05
N PRO A 55 12.70 2.94 -46.15
CA PRO A 55 14.15 3.06 -45.99
C PRO A 55 14.80 3.97 -47.02
N ASN A 56 14.18 4.13 -48.20
CA ASN A 56 14.67 5.11 -49.15
C ASN A 56 14.57 6.52 -48.58
N GLY A 57 13.45 6.83 -47.94
CA GLY A 57 13.25 8.15 -47.37
C GLY A 57 11.93 8.77 -47.79
N MET A 58 11.43 8.38 -48.95
CA MET A 58 10.18 8.95 -49.45
C MET A 58 9.04 8.70 -48.47
N ILE A 59 8.26 9.74 -48.22
CA ILE A 59 7.13 9.66 -47.30
C ILE A 59 5.88 9.27 -48.09
N VAL A 60 5.12 8.31 -47.58
CA VAL A 60 3.93 7.82 -48.25
C VAL A 60 2.74 7.98 -47.32
N THR A 61 1.64 8.51 -47.86
CA THR A 61 0.40 8.68 -47.10
C THR A 61 -0.49 7.47 -47.35
N LEU A 62 -0.72 6.67 -46.31
CA LEU A 62 -1.57 5.49 -46.39
C LEU A 62 -2.90 5.78 -45.72
N GLU A 63 -3.99 5.68 -46.48
CA GLU A 63 -5.33 5.88 -45.94
C GLU A 63 -5.78 4.55 -45.34
N CYS A 64 -5.50 4.38 -44.06
CA CYS A 64 -5.79 3.14 -43.35
C CYS A 64 -6.87 3.38 -42.31
N LEU A 65 -7.74 2.39 -42.14
CA LEU A 65 -8.84 2.49 -41.20
C LEU A 65 -8.31 2.46 -39.76
N ARG A 66 -9.12 2.99 -38.85
CA ARG A 66 -8.71 3.04 -37.44
C ARG A 66 -8.48 1.63 -36.89
N GLU A 67 -9.38 0.70 -37.19
CA GLU A 67 -9.27 -0.68 -36.71
C GLU A 67 -8.64 -1.53 -37.80
N ALA A 68 -7.32 -1.43 -37.93
CA ALA A 68 -6.56 -2.16 -38.92
C ALA A 68 -5.32 -2.76 -38.29
N THR A 69 -4.96 -3.96 -38.73
CA THR A 69 -3.77 -4.64 -38.24
C THR A 69 -2.52 -4.14 -38.97
N LEU A 70 -1.36 -4.46 -38.40
CA LEU A 70 -0.10 -3.98 -38.97
C LEU A 70 0.29 -4.73 -40.23
N ILE A 71 -0.07 -6.01 -40.35
CA ILE A 71 0.33 -6.78 -41.52
C ILE A 71 -0.30 -6.20 -42.77
N THR A 72 -1.61 -5.91 -42.73
CA THR A 72 -2.28 -5.34 -43.88
C THR A 72 -1.72 -3.97 -44.23
N ILE A 73 -1.43 -3.15 -43.21
CA ILE A 73 -0.88 -1.82 -43.45
C ILE A 73 0.49 -1.94 -44.12
N LYS A 74 1.32 -2.86 -43.64
CA LYS A 74 2.64 -3.05 -44.23
C LYS A 74 2.53 -3.53 -45.67
N HIS A 75 1.61 -4.45 -45.94
CA HIS A 75 1.41 -4.95 -47.30
C HIS A 75 0.97 -3.82 -48.23
N GLU A 76 0.01 -3.02 -47.79
CA GLU A 76 -0.45 -1.90 -48.61
C GLU A 76 0.67 -0.88 -48.82
N LEU A 77 1.47 -0.64 -47.79
CA LEU A 77 2.56 0.32 -47.90
C LEU A 77 3.59 -0.13 -48.94
N PHE A 78 4.00 -1.40 -48.89
CA PHE A 78 4.93 -1.88 -49.91
C PHE A 78 4.29 -1.95 -51.29
N LYS A 79 2.98 -2.20 -51.36
CA LYS A 79 2.31 -2.19 -52.65
C LYS A 79 2.32 -0.79 -53.26
N GLU A 80 2.10 0.24 -52.44
CA GLU A 80 2.11 1.61 -52.93
C GLU A 80 3.53 2.10 -53.19
N ALA A 81 4.52 1.55 -52.47
CA ALA A 81 5.90 2.01 -52.64
C ALA A 81 6.41 1.80 -54.06
N ARG A 82 5.83 0.86 -54.81
CA ARG A 82 6.26 0.64 -56.17
C ARG A 82 6.07 1.89 -57.02
N LYS A 83 4.93 2.56 -56.86
CA LYS A 83 4.70 3.80 -57.60
C LYS A 83 5.69 4.88 -57.21
N TYR A 84 6.17 4.87 -55.97
CA TYR A 84 7.14 5.84 -55.52
C TYR A 84 8.49 5.59 -56.21
N PRO A 85 9.42 6.59 -56.26
CA PRO A 85 10.74 6.33 -56.82
C PRO A 85 11.66 5.43 -56.00
N LEU A 86 12.88 5.21 -56.49
CA LEU A 86 13.91 4.40 -55.79
C LEU A 86 13.38 3.03 -55.31
N HIS A 87 12.30 2.53 -55.92
CA HIS A 87 11.72 1.26 -55.40
C HIS A 87 12.70 0.12 -55.67
N GLN A 88 13.88 0.42 -56.22
CA GLN A 88 14.84 -0.68 -56.39
C GLN A 88 15.42 -1.11 -55.05
N LEU A 89 15.77 -0.14 -54.20
CA LEU A 89 16.41 -0.47 -52.93
C LEU A 89 15.50 -1.31 -52.04
N LEU A 90 14.20 -1.00 -52.03
CA LEU A 90 13.27 -1.69 -51.16
C LEU A 90 13.30 -3.19 -51.41
N GLN A 91 13.30 -3.96 -50.32
CA GLN A 91 13.31 -5.41 -50.40
C GLN A 91 11.87 -5.93 -50.36
N ASP A 92 11.71 -7.23 -50.17
CA ASP A 92 10.39 -7.82 -50.08
C ASP A 92 9.70 -7.37 -48.79
N GLU A 93 8.37 -7.48 -48.79
CA GLU A 93 7.59 -7.00 -47.65
C GLU A 93 8.05 -7.66 -46.35
N SER A 94 8.19 -8.98 -46.36
CA SER A 94 8.54 -9.70 -45.14
C SER A 94 10.04 -9.66 -44.90
N SER A 95 10.62 -8.47 -44.94
CA SER A 95 12.04 -8.29 -44.63
C SER A 95 12.32 -7.05 -43.80
N TYR A 96 11.31 -6.25 -43.48
CA TYR A 96 11.49 -5.01 -42.73
C TYR A 96 10.47 -4.94 -41.60
N ILE A 97 10.79 -4.13 -40.59
CA ILE A 97 9.97 -4.01 -39.41
C ILE A 97 9.64 -2.53 -39.16
N PHE A 98 8.54 -2.31 -38.44
CA PHE A 98 8.06 -0.98 -38.16
C PHE A 98 8.72 -0.42 -36.89
N VAL A 99 8.81 0.90 -36.86
CA VAL A 99 9.30 1.63 -35.69
C VAL A 99 8.44 2.87 -35.52
N SER A 100 8.14 3.22 -34.27
CA SER A 100 7.31 4.39 -34.01
C SER A 100 7.55 4.86 -32.59
N VAL A 101 6.90 5.96 -32.23
CA VAL A 101 6.99 6.54 -30.90
C VAL A 101 5.58 6.64 -30.34
N THR A 102 5.38 6.10 -29.14
CA THR A 102 4.08 6.06 -28.49
C THR A 102 3.93 7.25 -27.55
N GLN A 103 2.79 7.29 -26.85
CA GLN A 103 2.49 8.40 -25.95
C GLN A 103 3.41 8.43 -24.73
N GLU A 104 4.17 7.36 -24.49
CA GLU A 104 5.11 7.32 -23.39
C GLU A 104 6.52 7.75 -23.80
N ALA A 105 6.65 8.40 -24.95
CA ALA A 105 7.94 8.89 -25.43
C ALA A 105 8.97 7.76 -25.53
N GLU A 106 8.52 6.60 -25.99
CA GLU A 106 9.37 5.44 -26.17
C GLU A 106 9.38 5.04 -27.64
N ARG A 107 10.57 4.83 -28.19
CA ARG A 107 10.72 4.37 -29.57
C ARG A 107 10.68 2.85 -29.55
N GLU A 108 9.63 2.28 -30.16
CA GLU A 108 9.43 0.84 -30.14
C GLU A 108 9.14 0.32 -31.53
N GLU A 109 9.56 -0.92 -31.78
CA GLU A 109 9.37 -1.60 -33.05
C GLU A 109 8.22 -2.59 -32.90
N PHE A 110 7.13 -2.35 -33.62
CA PHE A 110 6.01 -3.30 -33.62
C PHE A 110 6.38 -4.47 -34.49
N PHE A 111 7.01 -5.49 -33.87
CA PHE A 111 7.55 -6.62 -34.61
C PHE A 111 6.49 -7.30 -35.45
N ASP A 112 5.47 -7.87 -34.81
CA ASP A 112 4.37 -8.47 -35.55
C ASP A 112 3.04 -8.26 -34.83
N GLU A 113 2.97 -7.33 -33.89
CA GLU A 113 1.78 -7.15 -33.06
C GLU A 113 0.52 -7.11 -33.91
N THR A 114 -0.34 -8.11 -33.74
CA THR A 114 -1.58 -8.16 -34.49
C THR A 114 -2.58 -7.10 -34.05
N ARG A 115 -2.33 -6.45 -32.92
CA ARG A 115 -3.23 -5.41 -32.44
C ARG A 115 -3.34 -4.29 -33.48
N ARG A 116 -4.55 -3.82 -33.70
CA ARG A 116 -4.78 -2.75 -34.65
C ARG A 116 -4.01 -1.49 -34.22
N LEU A 117 -4.00 -0.50 -35.11
CA LEU A 117 -3.35 0.76 -34.78
C LEU A 117 -4.04 1.46 -33.61
N CYS A 118 -5.25 1.05 -33.27
CA CYS A 118 -5.89 1.58 -32.07
C CYS A 118 -5.10 1.20 -30.82
N ASP A 119 -4.77 -0.09 -30.67
CA ASP A 119 -4.04 -0.55 -29.50
C ASP A 119 -2.57 -0.13 -29.51
N LEU A 120 -2.08 0.39 -30.64
CA LEU A 120 -0.68 0.82 -30.69
C LEU A 120 -0.42 1.96 -29.72
N ARG A 121 -1.36 2.89 -29.58
CA ARG A 121 -1.17 4.08 -28.76
C ARG A 121 -0.04 4.95 -29.29
N LEU A 122 0.15 4.94 -30.61
CA LEU A 122 1.23 5.70 -31.22
C LEU A 122 1.02 7.20 -30.99
N PHE A 123 2.11 7.89 -30.65
CA PHE A 123 2.02 9.31 -30.36
C PHE A 123 1.59 10.10 -31.59
N GLN A 124 2.18 9.81 -32.74
CA GLN A 124 1.83 10.46 -33.99
C GLN A 124 1.64 9.42 -35.08
N PRO A 125 0.76 9.67 -36.04
CA PRO A 125 0.51 8.68 -37.09
C PRO A 125 1.66 8.56 -38.09
N PHE A 126 2.84 8.20 -37.59
CA PHE A 126 4.00 8.00 -38.45
C PHE A 126 4.65 6.66 -38.11
N LEU A 127 5.18 6.00 -39.14
CA LEU A 127 5.78 4.67 -38.98
C LEU A 127 7.00 4.58 -39.89
N LYS A 128 8.17 4.40 -39.28
CA LYS A 128 9.39 4.20 -40.06
C LYS A 128 9.60 2.72 -40.32
N VAL A 129 10.28 2.40 -41.42
CA VAL A 129 10.56 1.02 -41.80
C VAL A 129 12.07 0.81 -41.72
N ILE A 130 12.50 -0.18 -40.93
CA ILE A 130 13.91 -0.49 -40.76
C ILE A 130 14.07 -1.98 -40.54
N GLU A 131 15.20 -2.52 -40.99
CA GLU A 131 15.46 -3.94 -40.80
C GLU A 131 15.58 -4.25 -39.31
N PRO A 132 14.87 -5.26 -38.81
CA PRO A 132 14.93 -5.57 -37.38
C PRO A 132 16.36 -5.90 -36.95
N VAL A 133 16.70 -5.48 -35.72
CA VAL A 133 18.01 -5.71 -35.15
C VAL A 133 17.94 -6.52 -33.87
N GLY A 134 17.00 -6.18 -32.98
CA GLY A 134 16.91 -6.86 -31.70
C GLY A 134 16.17 -8.19 -31.78
N ASN A 135 16.24 -8.91 -30.67
CA ASN A 135 15.56 -10.20 -30.57
C ASN A 135 14.05 -9.99 -30.44
N ARG A 136 13.28 -10.77 -31.19
CA ARG A 136 11.83 -10.67 -31.09
C ARG A 136 11.34 -11.06 -29.71
N GLU A 137 11.90 -12.13 -29.13
CA GLU A 137 11.46 -12.57 -27.82
C GLU A 137 11.64 -11.48 -26.78
N GLU A 138 12.85 -10.89 -26.72
CA GLU A 138 13.13 -9.90 -25.69
C GLU A 138 12.26 -8.68 -25.85
N LYS A 139 12.08 -8.19 -27.08
CA LYS A 139 11.25 -7.01 -27.28
C LYS A 139 9.79 -7.29 -26.95
N ILE A 140 9.27 -8.44 -27.34
CA ILE A 140 7.87 -8.75 -27.05
C ILE A 140 7.66 -8.86 -25.55
N LEU A 141 8.55 -9.57 -24.86
CA LEU A 141 8.41 -9.69 -23.41
C LEU A 141 8.52 -8.33 -22.73
N ASN A 142 9.44 -7.48 -23.20
CA ASN A 142 9.58 -6.16 -22.63
C ASN A 142 8.32 -5.32 -22.84
N ARG A 143 7.72 -5.42 -24.02
CA ARG A 143 6.48 -4.70 -24.27
C ARG A 143 5.37 -5.17 -23.34
N GLU A 144 5.24 -6.49 -23.16
CA GLU A 144 4.22 -7.00 -22.24
C GLU A 144 4.48 -6.53 -20.82
N ILE A 145 5.74 -6.57 -20.38
CA ILE A 145 6.09 -6.12 -19.04
C ILE A 145 5.78 -4.65 -18.87
N GLY A 146 6.08 -3.84 -19.89
CA GLY A 146 5.81 -2.42 -19.80
C GLY A 146 4.33 -2.12 -19.75
N PHE A 147 3.53 -2.87 -20.49
CA PHE A 147 2.08 -2.67 -20.41
C PHE A 147 1.54 -3.06 -19.05
N ALA A 148 2.01 -4.19 -18.51
CA ALA A 148 1.52 -4.62 -17.20
C ALA A 148 1.94 -3.65 -16.10
N ILE A 149 3.23 -3.30 -16.05
CA ILE A 149 3.74 -2.41 -15.01
C ILE A 149 3.09 -1.03 -15.13
N GLY A 150 2.97 -0.51 -16.34
CA GLY A 150 2.47 0.82 -16.57
C GLY A 150 3.52 1.82 -16.99
N MET A 151 4.80 1.49 -16.84
CA MET A 151 5.90 2.36 -17.24
C MET A 151 6.85 1.55 -18.13
N PRO A 152 7.29 2.10 -19.25
CA PRO A 152 8.16 1.32 -20.16
C PRO A 152 9.42 0.86 -19.47
N VAL A 153 9.85 -0.35 -19.82
CA VAL A 153 11.01 -0.97 -19.17
C VAL A 153 12.32 -0.31 -19.57
N CYS A 154 12.34 0.45 -20.66
CA CYS A 154 13.57 1.12 -21.08
C CYS A 154 14.04 2.12 -20.04
N GLU A 155 13.12 2.68 -19.25
CA GLU A 155 13.50 3.67 -18.26
C GLU A 155 14.47 3.09 -17.24
N PHE A 156 14.22 1.87 -16.77
CA PHE A 156 15.13 1.25 -15.82
C PHE A 156 16.51 1.06 -16.42
N ASP A 157 16.57 0.72 -17.72
CA ASP A 157 17.86 0.65 -18.38
C ASP A 157 18.53 2.01 -18.41
N MET A 158 17.76 3.08 -18.55
CA MET A 158 18.33 4.42 -18.55
C MET A 158 18.95 4.76 -17.20
N VAL A 159 18.29 4.37 -16.10
CA VAL A 159 18.75 4.77 -14.77
C VAL A 159 20.19 4.31 -14.56
N LYS A 160 21.05 5.27 -14.20
CA LYS A 160 22.48 5.04 -14.07
C LYS A 160 22.92 4.76 -12.64
N ASP A 161 22.00 4.70 -11.69
CA ASP A 161 22.35 4.52 -10.29
C ASP A 161 22.95 3.13 -10.08
N PRO A 162 24.17 3.01 -9.54
CA PRO A 162 24.77 1.67 -9.39
C PRO A 162 23.92 0.72 -8.57
N GLU A 163 23.26 1.23 -7.52
CA GLU A 163 22.42 0.36 -6.70
C GLU A 163 21.24 -0.17 -7.49
N VAL A 164 20.63 0.67 -8.33
CA VAL A 164 19.50 0.20 -9.14
C VAL A 164 19.94 -0.88 -10.11
N GLN A 165 21.07 -0.69 -10.78
CA GLN A 165 21.55 -1.69 -11.71
C GLN A 165 21.91 -2.99 -10.99
N ASP A 166 22.54 -2.89 -9.83
CA ASP A 166 22.89 -4.09 -9.08
C ASP A 166 21.65 -4.84 -8.62
N PHE A 167 20.64 -4.12 -8.16
CA PHE A 167 19.39 -4.79 -7.79
C PHE A 167 18.74 -5.45 -8.99
N ARG A 168 18.73 -4.76 -10.13
CA ARG A 168 18.14 -5.35 -11.33
C ARG A 168 18.85 -6.64 -11.73
N ARG A 169 20.17 -6.66 -11.64
CA ARG A 169 20.91 -7.86 -12.01
C ARG A 169 20.95 -8.91 -10.90
N ASN A 170 20.61 -8.57 -9.66
CA ASN A 170 20.72 -9.50 -8.56
C ASN A 170 19.39 -10.09 -8.10
N ILE A 171 18.27 -9.44 -8.41
CA ILE A 171 16.98 -10.05 -8.15
C ILE A 171 16.74 -11.21 -9.10
N LEU A 172 17.50 -11.29 -10.20
CA LEU A 172 17.39 -12.42 -11.10
C LEU A 172 17.82 -13.71 -10.43
N ASN A 173 18.67 -13.66 -9.41
CA ASN A 173 19.02 -14.87 -8.69
C ASN A 173 17.80 -15.46 -7.97
N VAL A 174 17.05 -14.61 -7.27
CA VAL A 174 15.82 -15.06 -6.63
C VAL A 174 14.82 -15.54 -7.67
N CYS A 175 14.68 -14.78 -8.77
CA CYS A 175 13.74 -15.20 -9.81
C CYS A 175 14.12 -16.57 -10.35
N LYS A 176 15.41 -16.81 -10.59
CA LYS A 176 15.84 -18.07 -11.15
C LYS A 176 15.66 -19.22 -10.17
N GLU A 177 15.97 -19.01 -8.89
CA GLU A 177 15.75 -20.10 -7.94
C GLU A 177 14.28 -20.43 -7.80
N ALA A 178 13.42 -19.41 -7.79
CA ALA A 178 11.98 -19.67 -7.74
C ALA A 178 11.51 -20.43 -8.97
N VAL A 179 11.97 -20.03 -10.16
CA VAL A 179 11.55 -20.70 -11.38
C VAL A 179 12.07 -22.13 -11.42
N ASP A 180 13.27 -22.37 -10.90
CA ASP A 180 13.79 -23.72 -10.83
C ASP A 180 12.99 -24.58 -9.86
N LEU A 181 12.60 -24.02 -8.71
CA LEU A 181 11.77 -24.76 -7.77
C LEU A 181 10.42 -25.11 -8.37
N ARG A 182 9.83 -24.18 -9.13
CA ARG A 182 8.54 -24.45 -9.74
C ARG A 182 8.60 -25.63 -10.70
N ASP A 183 9.66 -25.70 -11.51
CA ASP A 183 9.82 -26.76 -12.50
C ASP A 183 10.59 -27.95 -11.94
N LEU A 184 10.60 -28.14 -10.63
CA LEU A 184 11.34 -29.25 -10.04
C LEU A 184 10.64 -30.58 -10.30
N ASN A 185 9.33 -30.63 -10.11
CA ASN A 185 8.55 -31.86 -10.18
C ASN A 185 7.38 -31.69 -11.13
N SER A 186 7.64 -31.15 -12.31
CA SER A 186 6.59 -30.94 -13.29
C SER A 186 6.02 -32.27 -13.74
N PRO A 187 4.75 -32.29 -14.20
CA PRO A 187 3.92 -31.09 -14.30
C PRO A 187 3.12 -30.84 -13.02
N HIS A 188 3.41 -31.62 -11.98
CA HIS A 188 2.69 -31.44 -10.71
C HIS A 188 3.04 -30.10 -10.08
N SER A 189 4.33 -29.76 -10.02
CA SER A 189 4.75 -28.53 -9.35
C SER A 189 4.21 -27.30 -10.06
N ARG A 190 4.24 -27.30 -11.40
CA ARG A 190 3.66 -26.18 -12.13
C ARG A 190 2.16 -26.07 -11.85
N ALA A 191 1.49 -27.22 -11.73
CA ALA A 191 0.06 -27.20 -11.42
C ALA A 191 -0.21 -26.62 -10.05
N MET A 192 0.60 -27.00 -9.05
CA MET A 192 0.42 -26.44 -7.71
C MET A 192 0.69 -24.94 -7.72
N TYR A 193 1.69 -24.49 -8.49
CA TYR A 193 1.93 -23.06 -8.61
C TYR A 193 0.75 -22.35 -9.22
N VAL A 194 0.17 -22.91 -10.29
CA VAL A 194 -0.92 -22.24 -10.99
C VAL A 194 -2.19 -22.25 -10.15
N TYR A 195 -2.52 -23.38 -9.52
CA TYR A 195 -3.73 -23.53 -8.71
C TYR A 195 -3.31 -23.95 -7.31
N PRO A 196 -2.90 -23.00 -6.46
CA PRO A 196 -2.35 -23.37 -5.17
C PRO A 196 -3.44 -23.91 -4.25
N PRO A 197 -3.08 -24.77 -3.29
CA PRO A 197 -4.07 -25.22 -2.31
C PRO A 197 -4.54 -24.09 -1.41
N ASN A 198 -5.81 -23.73 -1.53
CA ASN A 198 -6.40 -22.69 -0.67
C ASN A 198 -6.86 -23.37 0.62
N VAL A 199 -5.96 -23.45 1.59
CA VAL A 199 -6.23 -24.20 2.81
C VAL A 199 -6.15 -23.31 4.03
N GLU A 200 -6.42 -23.88 5.20
CA GLU A 200 -6.36 -23.17 6.46
C GLU A 200 -4.98 -23.34 7.09
N SER A 201 -4.81 -22.74 8.27
CA SER A 201 -3.49 -22.73 8.91
C SER A 201 -3.22 -24.03 9.68
N SER A 202 -4.22 -24.57 10.37
CA SER A 202 -4.02 -25.76 11.16
C SER A 202 -5.13 -26.78 10.89
N PRO A 203 -4.79 -28.07 10.82
CA PRO A 203 -5.82 -29.09 10.58
C PRO A 203 -6.89 -29.14 11.64
N GLU A 204 -6.55 -28.88 12.90
CA GLU A 204 -7.50 -29.03 13.98
C GLU A 204 -8.65 -28.04 13.85
N LEU A 205 -9.86 -28.50 14.13
CA LEU A 205 -11.09 -27.72 13.99
C LEU A 205 -11.54 -27.17 15.33
N PRO A 206 -12.17 -26.00 15.33
CA PRO A 206 -12.87 -25.54 16.54
C PRO A 206 -14.01 -26.49 16.87
N LYS A 207 -14.30 -26.60 18.17
CA LYS A 207 -15.26 -27.61 18.62
C LYS A 207 -16.67 -27.35 18.08
N HIS A 208 -17.04 -26.09 17.91
CA HIS A 208 -18.40 -25.80 17.47
C HIS A 208 -18.66 -26.35 16.07
N ILE A 209 -17.77 -26.06 15.12
CA ILE A 209 -17.95 -26.60 13.77
C ILE A 209 -17.82 -28.11 13.79
N TYR A 210 -16.92 -28.64 14.61
CA TYR A 210 -16.77 -30.10 14.71
C TYR A 210 -18.09 -30.74 15.11
N ASN A 211 -18.77 -30.17 16.10
CA ASN A 211 -20.12 -30.63 16.45
C ASN A 211 -21.12 -30.35 15.35
N LYS A 212 -20.87 -29.35 14.51
CA LYS A 212 -21.74 -29.12 13.36
C LYS A 212 -21.71 -30.29 12.40
N LEU A 213 -20.61 -31.04 12.37
CA LEU A 213 -20.51 -32.21 11.52
C LEU A 213 -21.38 -33.34 12.06
N ASP A 214 -21.71 -34.29 11.18
CA ASP A 214 -22.53 -35.44 11.55
C ASP A 214 -21.65 -36.55 12.12
N LYS A 215 -21.13 -36.28 13.31
CA LYS A 215 -20.27 -37.23 14.01
C LYS A 215 -18.94 -37.42 13.27
N GLY A 216 -18.36 -36.31 12.84
CA GLY A 216 -17.11 -36.36 12.10
C GLY A 216 -17.23 -36.78 10.67
N GLN A 217 -18.44 -36.89 10.13
CA GLN A 217 -18.66 -37.30 8.75
C GLN A 217 -19.40 -36.19 8.01
N ILE A 218 -18.87 -35.79 6.87
CA ILE A 218 -19.48 -34.79 6.01
C ILE A 218 -20.01 -35.47 4.77
N ILE A 219 -21.10 -34.91 4.23
CA ILE A 219 -21.76 -35.45 3.04
C ILE A 219 -21.40 -34.54 1.87
N VAL A 220 -20.49 -35.00 1.03
CA VAL A 220 -20.09 -34.25 -0.16
C VAL A 220 -20.82 -34.84 -1.36
N VAL A 221 -20.80 -34.10 -2.47
CA VAL A 221 -21.40 -34.54 -3.72
C VAL A 221 -20.33 -34.46 -4.79
N ILE A 222 -20.03 -35.60 -5.41
CA ILE A 222 -19.04 -35.68 -6.47
C ILE A 222 -19.76 -35.68 -7.80
N TRP A 223 -19.49 -34.67 -8.62
CA TRP A 223 -20.03 -34.59 -9.97
C TRP A 223 -18.99 -35.14 -10.95
N VAL A 224 -19.41 -36.12 -11.75
CA VAL A 224 -18.56 -36.69 -12.79
C VAL A 224 -19.24 -36.44 -14.13
N ILE A 225 -18.52 -35.82 -15.05
CA ILE A 225 -19.01 -35.54 -16.39
C ILE A 225 -18.33 -36.46 -17.42
N VAL A 226 -17.84 -37.62 -16.98
CA VAL A 226 -17.16 -38.54 -17.86
C VAL A 226 -18.18 -39.25 -18.74
N SER A 227 -18.34 -38.75 -19.97
CA SER A 227 -19.30 -39.31 -20.91
C SER A 227 -19.17 -38.59 -22.25
N PRO A 228 -19.78 -39.11 -23.32
CA PRO A 228 -19.70 -38.40 -24.61
C PRO A 228 -20.26 -36.99 -24.53
N ASN A 229 -21.30 -36.78 -23.72
CA ASN A 229 -21.86 -35.46 -23.48
C ASN A 229 -21.99 -35.23 -21.99
N ASN A 230 -21.91 -33.96 -21.59
CA ASN A 230 -21.96 -33.61 -20.18
C ASN A 230 -23.32 -33.99 -19.59
N ASP A 231 -23.34 -34.98 -18.71
CA ASP A 231 -24.56 -35.44 -18.07
C ASP A 231 -24.61 -35.15 -16.58
N LYS A 232 -23.50 -34.80 -15.96
CA LYS A 232 -23.45 -34.42 -14.55
C LYS A 232 -23.98 -35.55 -13.66
N GLN A 233 -23.25 -36.66 -13.67
CA GLN A 233 -23.55 -37.77 -12.76
C GLN A 233 -23.16 -37.36 -11.34
N LYS A 234 -24.15 -37.16 -10.47
CA LYS A 234 -23.91 -36.74 -9.10
C LYS A 234 -23.95 -37.96 -8.19
N TYR A 235 -22.94 -38.10 -7.35
CA TYR A 235 -22.88 -39.17 -6.35
C TYR A 235 -22.74 -38.55 -4.98
N THR A 236 -23.64 -38.89 -4.07
CA THR A 236 -23.61 -38.39 -2.70
C THR A 236 -22.76 -39.33 -1.86
N LEU A 237 -21.64 -38.81 -1.34
CA LEU A 237 -20.65 -39.62 -0.64
C LEU A 237 -20.43 -39.06 0.75
N LYS A 238 -20.61 -39.88 1.77
CA LYS A 238 -20.41 -39.47 3.16
C LYS A 238 -19.04 -39.98 3.61
N ILE A 239 -18.15 -39.06 3.97
CA ILE A 239 -16.77 -39.40 4.28
C ILE A 239 -16.29 -38.58 5.47
N ASN A 240 -15.25 -39.06 6.12
CA ASN A 240 -14.67 -38.36 7.26
C ASN A 240 -14.25 -36.95 6.85
N HIS A 241 -13.91 -36.14 7.84
CA HIS A 241 -13.36 -34.82 7.59
C HIS A 241 -11.85 -34.78 7.75
N ASP A 242 -11.21 -35.93 7.91
CA ASP A 242 -9.76 -36.03 7.98
C ASP A 242 -9.18 -36.85 6.83
N CYS A 243 -9.96 -37.10 5.78
CA CYS A 243 -9.51 -37.90 4.65
C CYS A 243 -8.87 -37.01 3.60
N VAL A 244 -7.71 -37.41 3.11
CA VAL A 244 -7.01 -36.68 2.06
C VAL A 244 -7.82 -36.81 0.79
N PRO A 245 -7.66 -35.91 -0.18
CA PRO A 245 -8.48 -36.01 -1.41
C PRO A 245 -8.26 -37.32 -2.16
N GLU A 246 -7.10 -37.95 -2.00
CA GLU A 246 -6.84 -39.22 -2.67
C GLU A 246 -7.84 -40.28 -2.21
N GLN A 247 -8.04 -40.40 -0.90
CA GLN A 247 -9.02 -41.34 -0.38
C GLN A 247 -10.44 -40.97 -0.79
N VAL A 248 -10.74 -39.67 -0.83
CA VAL A 248 -12.04 -39.23 -1.31
C VAL A 248 -12.28 -39.74 -2.73
N ILE A 249 -11.27 -39.62 -3.59
CA ILE A 249 -11.43 -40.06 -4.97
C ILE A 249 -11.52 -41.57 -5.05
N ALA A 250 -10.75 -42.28 -4.23
CA ALA A 250 -10.83 -43.74 -4.24
C ALA A 250 -12.23 -44.21 -3.87
N GLU A 251 -12.80 -43.61 -2.82
CA GLU A 251 -14.14 -44.00 -2.41
C GLU A 251 -15.21 -43.53 -3.40
N ALA A 252 -14.98 -42.41 -4.08
CA ALA A 252 -15.89 -42.01 -5.15
C ALA A 252 -15.88 -43.04 -6.28
N ILE A 253 -14.68 -43.51 -6.66
CA ILE A 253 -14.59 -44.55 -7.69
C ILE A 253 -15.30 -45.82 -7.23
N ARG A 254 -15.12 -46.19 -5.96
CA ARG A 254 -15.83 -47.35 -5.44
C ARG A 254 -17.33 -47.18 -5.57
N LYS A 255 -17.87 -45.98 -5.31
CA LYS A 255 -19.33 -45.73 -5.49
C LYS A 255 -19.69 -45.70 -6.97
N LYS A 256 -19.34 -44.62 -7.67
CA LYS A 256 -19.67 -44.50 -9.13
C LYS A 256 -19.86 -45.88 -9.72
N THR A 257 -18.82 -46.71 -9.65
CA THR A 257 -18.90 -48.08 -10.21
C THR A 257 -20.05 -48.83 -9.54
N ARG A 258 -21.29 -48.66 -10.04
CA ARG A 258 -22.47 -49.31 -9.43
C ARG A 258 -22.36 -49.24 -7.91
N SER A 259 -21.77 -50.26 -7.29
CA SER A 259 -21.64 -50.31 -5.82
C SER A 259 -20.21 -50.71 -5.44
N MET A 260 -19.38 -51.10 -6.42
CA MET A 260 -17.96 -51.43 -6.13
C MET A 260 -17.17 -51.62 -7.42
N LEU A 261 -15.84 -51.52 -7.35
CA LEU A 261 -14.97 -51.71 -8.54
C LEU A 261 -13.77 -52.55 -8.10
N LEU A 262 -13.18 -52.21 -6.96
CA LEU A 262 -12.00 -52.96 -6.43
C LEU A 262 -11.70 -52.45 -5.01
N TYR A 274 -8.87 -42.76 -12.43
CA TYR A 274 -9.12 -43.39 -11.15
C TYR A 274 -8.03 -43.05 -10.15
N GLN A 275 -7.33 -44.07 -9.68
CA GLN A 275 -6.22 -43.85 -8.76
C GLN A 275 -5.04 -43.22 -9.49
N GLY A 276 -4.53 -42.12 -8.95
CA GLY A 276 -3.44 -41.41 -9.61
C GLY A 276 -3.79 -40.93 -11.00
N LYS A 277 -5.07 -40.72 -11.28
CA LYS A 277 -5.49 -40.26 -12.61
C LYS A 277 -6.52 -39.15 -12.59
N TYR A 278 -7.17 -38.88 -11.46
CA TYR A 278 -8.19 -37.83 -11.37
C TYR A 278 -7.84 -36.89 -10.22
N ILE A 279 -8.37 -35.67 -10.29
CA ILE A 279 -8.20 -34.67 -9.25
C ILE A 279 -9.56 -34.04 -8.97
N LEU A 280 -9.60 -33.27 -7.88
CA LEU A 280 -10.84 -32.70 -7.38
C LEU A 280 -10.87 -31.20 -7.67
N LYS A 281 -12.01 -30.73 -8.15
CA LYS A 281 -12.19 -29.32 -8.43
C LYS A 281 -13.45 -28.83 -7.73
N VAL A 282 -13.48 -27.54 -7.40
CA VAL A 282 -14.66 -26.92 -6.83
C VAL A 282 -15.60 -26.53 -7.97
N CYS A 283 -16.80 -27.13 -7.97
CA CYS A 283 -17.74 -26.84 -9.05
C CYS A 283 -18.07 -25.36 -9.07
N GLY A 284 -18.06 -24.77 -10.27
CA GLY A 284 -18.40 -23.38 -10.47
C GLY A 284 -17.25 -22.40 -10.35
N CYS A 285 -16.06 -22.84 -9.96
CA CYS A 285 -14.92 -21.96 -9.83
C CYS A 285 -13.64 -22.77 -10.04
N ASP A 286 -12.54 -22.06 -10.23
CA ASP A 286 -11.26 -22.67 -10.58
C ASP A 286 -10.39 -22.80 -9.32
N GLU A 287 -10.72 -23.78 -8.50
CA GLU A 287 -9.91 -24.11 -7.33
C GLU A 287 -9.83 -25.62 -7.21
N TYR A 288 -8.61 -26.15 -7.12
CA TYR A 288 -8.36 -27.58 -7.22
C TYR A 288 -7.70 -28.10 -5.95
N PHE A 289 -8.08 -29.31 -5.56
CA PHE A 289 -7.53 -29.96 -4.36
C PHE A 289 -6.38 -30.87 -4.77
N LEU A 290 -5.28 -30.26 -5.18
CA LEU A 290 -4.12 -30.99 -5.66
C LEU A 290 -3.17 -31.44 -4.55
N GLU A 291 -3.37 -30.96 -3.33
CA GLU A 291 -2.42 -31.20 -2.25
C GLU A 291 -2.94 -32.26 -1.29
N LYS A 292 -2.01 -32.86 -0.55
CA LYS A 292 -2.33 -33.94 0.38
C LYS A 292 -2.68 -33.37 1.75
N TYR A 293 -3.81 -32.66 1.78
CA TYR A 293 -4.33 -32.09 3.01
C TYR A 293 -5.66 -32.74 3.37
N PRO A 294 -5.99 -32.81 4.66
CA PRO A 294 -7.30 -33.35 5.04
C PRO A 294 -8.41 -32.55 4.36
N LEU A 295 -9.47 -33.26 3.97
CA LEU A 295 -10.50 -32.66 3.14
C LEU A 295 -11.15 -31.45 3.81
N SER A 296 -11.09 -31.36 5.14
CA SER A 296 -11.70 -30.25 5.85
C SER A 296 -10.77 -29.08 6.07
N GLN A 297 -9.49 -29.21 5.71
CA GLN A 297 -8.55 -28.10 5.88
C GLN A 297 -8.63 -27.07 4.77
N TYR A 298 -9.27 -27.41 3.66
CA TYR A 298 -9.41 -26.46 2.56
C TYR A 298 -10.47 -25.43 2.90
N LYS A 299 -10.21 -24.18 2.49
CA LYS A 299 -11.07 -23.07 2.91
C LYS A 299 -12.50 -23.27 2.43
N TYR A 300 -12.69 -23.73 1.20
CA TYR A 300 -14.03 -23.97 0.70
C TYR A 300 -14.74 -25.05 1.51
N ILE A 301 -14.03 -26.13 1.83
CA ILE A 301 -14.64 -27.24 2.55
C ILE A 301 -15.07 -26.78 3.95
N ARG A 302 -14.17 -26.10 4.66
CA ARG A 302 -14.52 -25.65 6.01
C ARG A 302 -15.59 -24.57 5.98
N SER A 303 -15.60 -23.72 4.95
CA SER A 303 -16.68 -22.75 4.81
C SER A 303 -18.02 -23.45 4.60
N CYS A 304 -18.04 -24.51 3.80
CA CYS A 304 -19.26 -25.28 3.61
C CYS A 304 -19.69 -25.94 4.92
N ILE A 305 -18.72 -26.46 5.68
CA ILE A 305 -19.04 -27.07 6.98
C ILE A 305 -19.69 -26.05 7.90
N MET A 306 -19.08 -24.88 8.02
CA MET A 306 -19.60 -23.85 8.92
C MET A 306 -20.97 -23.35 8.46
N LEU A 307 -21.13 -23.11 7.17
CA LEU A 307 -22.36 -22.53 6.64
C LEU A 307 -23.47 -23.57 6.48
N GLY A 308 -23.20 -24.83 6.74
CA GLY A 308 -24.21 -25.86 6.56
C GLY A 308 -24.64 -26.07 5.14
N ARG A 309 -23.70 -26.13 4.20
CA ARG A 309 -23.98 -26.37 2.80
C ARG A 309 -23.27 -27.63 2.34
N MET A 310 -23.88 -28.35 1.41
CA MET A 310 -23.28 -29.55 0.85
C MET A 310 -22.11 -29.17 -0.05
N PRO A 311 -20.91 -29.70 0.19
CA PRO A 311 -19.80 -29.41 -0.73
C PRO A 311 -19.96 -30.12 -2.06
N ASN A 312 -20.27 -29.38 -3.11
CA ASN A 312 -20.43 -29.95 -4.45
C ASN A 312 -19.09 -29.89 -5.16
N LEU A 313 -18.41 -31.03 -5.24
CA LEU A 313 -17.12 -31.13 -5.88
C LEU A 313 -17.29 -31.67 -7.30
N MET A 314 -16.16 -31.82 -7.99
CA MET A 314 -16.14 -32.35 -9.35
C MET A 314 -14.88 -33.18 -9.54
N LEU A 315 -15.01 -34.26 -10.30
CA LEU A 315 -13.89 -35.13 -10.63
C LEU A 315 -13.41 -34.79 -12.03
N MET A 316 -12.14 -34.37 -12.15
CA MET A 316 -11.59 -33.94 -13.42
C MET A 316 -10.33 -34.71 -13.72
N ALA A 317 -10.17 -35.11 -14.99
CA ALA A 317 -8.98 -35.86 -15.38
C ALA A 317 -7.73 -35.03 -15.14
N LYS A 318 -6.68 -35.69 -14.64
CA LYS A 318 -5.42 -35.00 -14.37
C LYS A 318 -4.81 -34.43 -15.65
N GLU A 319 -4.85 -35.22 -16.72
CA GLU A 319 -4.28 -34.75 -17.98
C GLU A 319 -4.99 -33.51 -18.50
N SER A 320 -6.25 -33.30 -18.13
CA SER A 320 -6.96 -32.11 -18.58
C SER A 320 -6.26 -30.84 -18.13
N LEU A 321 -6.00 -30.72 -16.83
CA LEU A 321 -5.31 -29.52 -16.36
C LEU A 321 -3.82 -29.55 -16.69
N TYR A 322 -3.21 -30.75 -16.74
CA TYR A 322 -1.80 -30.79 -17.11
C TYR A 322 -1.58 -30.25 -18.52
N SER A 323 -2.47 -30.58 -19.45
CA SER A 323 -2.40 -30.04 -20.80
C SER A 323 -2.87 -28.59 -20.85
N GLN A 324 -3.82 -28.22 -19.99
CA GLN A 324 -4.26 -26.83 -19.91
C GLN A 324 -3.18 -25.90 -19.36
N LEU A 325 -2.08 -26.45 -18.84
CA LEU A 325 -1.02 -25.64 -18.25
C LEU A 325 0.04 -25.36 -19.30
N PRO A 326 0.10 -24.14 -19.86
CA PRO A 326 1.19 -23.81 -20.77
C PRO A 326 2.53 -23.81 -20.06
N MET A 327 3.58 -24.13 -20.80
CA MET A 327 4.92 -24.17 -20.23
C MET A 327 5.47 -22.76 -20.06
N ASP A 328 6.02 -22.48 -18.89
CA ASP A 328 6.60 -21.18 -18.59
C ASP A 328 8.09 -21.21 -18.93
N CYS A 329 8.53 -20.24 -19.72
CA CYS A 329 9.93 -20.12 -20.12
C CYS A 329 10.46 -18.79 -19.58
N PHE A 330 11.40 -18.86 -18.64
CA PHE A 330 12.04 -17.68 -18.08
C PHE A 330 13.43 -17.55 -18.68
N THR A 331 13.68 -16.45 -19.37
CA THR A 331 14.95 -16.19 -20.03
C THR A 331 15.62 -14.99 -19.39
N MET A 332 16.89 -15.15 -19.02
CA MET A 332 17.62 -14.04 -18.40
C MET A 332 17.67 -12.88 -19.38
N PRO A 333 17.23 -11.69 -18.99
CA PRO A 333 17.22 -10.57 -19.93
C PRO A 333 18.60 -10.09 -20.30
N SER A 334 18.68 -9.05 -21.12
CA SER A 334 19.98 -8.58 -21.60
C SER A 334 20.83 -8.04 -20.46
N TYR A 335 20.22 -7.33 -19.51
CA TYR A 335 21.00 -6.62 -18.50
C TYR A 335 21.73 -7.55 -17.54
N SER A 336 21.36 -8.83 -17.49
CA SER A 336 22.04 -9.75 -16.58
C SER A 336 23.46 -10.06 -17.02
N ARG A 337 23.83 -9.75 -18.25
CA ARG A 337 25.19 -10.02 -18.73
C ARG A 337 26.22 -9.05 -18.17
N ARG A 338 25.84 -7.80 -17.96
CA ARG A 338 26.75 -6.81 -17.41
C ARG A 338 26.80 -6.87 -15.88
N SER A 351 42.60 -0.74 0.52
CA SER A 351 42.31 0.68 0.58
C SER A 351 41.09 0.96 1.44
N THR A 352 40.64 -0.05 2.17
CA THR A 352 39.48 0.05 3.05
C THR A 352 39.94 0.02 4.51
N LYS A 353 39.44 0.99 5.28
CA LYS A 353 39.74 1.06 6.71
C LYS A 353 38.47 0.81 7.51
N SER A 354 38.59 0.00 8.57
CA SER A 354 37.45 -0.27 9.42
C SER A 354 36.87 1.04 9.97
N LEU A 355 35.56 1.16 9.92
CA LEU A 355 34.92 2.41 10.34
C LEU A 355 35.21 2.72 11.80
N TRP A 356 35.55 1.72 12.61
CA TRP A 356 35.83 1.96 14.02
C TRP A 356 37.21 2.54 14.26
N VAL A 357 38.11 2.46 13.29
CA VAL A 357 39.43 3.08 13.42
C VAL A 357 39.32 4.60 13.36
N ILE A 358 38.52 5.12 12.42
CA ILE A 358 38.34 6.56 12.32
C ILE A 358 37.81 7.10 13.63
N ASN A 359 38.45 8.16 14.13
CA ASN A 359 38.08 8.78 15.41
C ASN A 359 37.95 10.30 15.20
N SER A 360 36.73 10.75 14.94
CA SER A 360 36.46 12.16 14.75
C SER A 360 34.96 12.38 14.70
N ALA A 361 34.50 13.43 15.36
CA ALA A 361 33.08 13.73 15.35
C ALA A 361 32.60 13.93 13.91
N LEU A 362 31.43 13.37 13.61
CA LEU A 362 30.87 13.51 12.27
C LEU A 362 30.70 14.99 11.93
N ARG A 363 31.14 15.36 10.72
CA ARG A 363 31.04 16.72 10.22
C ARG A 363 30.48 16.68 8.80
N ILE A 364 29.52 17.55 8.50
CA ILE A 364 28.98 17.64 7.14
C ILE A 364 28.82 19.10 6.77
N LYS A 365 29.23 19.43 5.56
CA LYS A 365 29.20 20.80 5.06
C LYS A 365 27.97 21.03 4.20
N ILE A 366 27.32 22.18 4.38
CA ILE A 366 26.21 22.60 3.54
C ILE A 366 26.71 23.76 2.69
N LEU A 367 26.62 23.61 1.37
CA LEU A 367 27.17 24.60 0.44
C LEU A 367 26.13 25.62 -0.01
N CYS A 368 25.06 25.17 -0.64
CA CYS A 368 24.11 26.11 -1.21
C CYS A 368 22.89 25.36 -1.72
N ALA A 369 21.74 26.03 -1.66
CA ALA A 369 20.49 25.53 -2.23
C ALA A 369 20.21 26.37 -3.47
N THR A 370 20.52 25.81 -4.64
CA THR A 370 20.45 26.59 -5.87
C THR A 370 19.06 27.12 -6.15
N TYR A 371 18.04 26.30 -5.94
CA TYR A 371 16.66 26.64 -6.27
C TYR A 371 15.81 26.63 -5.00
N VAL A 372 15.07 27.71 -4.77
CA VAL A 372 14.17 27.79 -3.63
C VAL A 372 12.96 28.63 -4.00
N ASN A 373 11.76 28.08 -3.81
CA ASN A 373 10.52 28.78 -4.14
C ASN A 373 9.98 29.42 -2.87
N VAL A 374 10.46 30.63 -2.58
CA VAL A 374 10.09 31.35 -1.37
C VAL A 374 9.71 32.79 -1.76
N ASN A 375 8.98 33.44 -0.86
CA ASN A 375 8.57 34.82 -1.03
C ASN A 375 9.45 35.71 -0.16
N ILE A 376 10.07 36.72 -0.76
CA ILE A 376 11.04 37.54 -0.04
C ILE A 376 10.38 38.27 1.12
N ARG A 377 9.21 38.87 0.87
CA ARG A 377 8.54 39.65 1.90
C ARG A 377 7.97 38.75 3.00
N ASP A 378 7.33 37.65 2.61
CA ASP A 378 6.67 36.80 3.59
C ASP A 378 7.65 35.98 4.41
N ILE A 379 8.85 35.74 3.89
CA ILE A 379 9.86 34.93 4.57
C ILE A 379 11.10 35.80 4.78
N ASP A 380 11.44 36.03 6.05
CA ASP A 380 12.61 36.84 6.36
C ASP A 380 13.90 36.12 6.00
N LYS A 381 14.03 34.87 6.42
CA LYS A 381 15.27 34.13 6.25
C LYS A 381 14.96 32.65 6.08
N ILE A 382 16.00 31.88 5.73
CA ILE A 382 15.88 30.45 5.53
C ILE A 382 17.06 29.78 6.22
N TYR A 383 16.88 28.51 6.58
CA TYR A 383 17.94 27.74 7.20
C TYR A 383 17.66 26.25 6.99
N VAL A 384 18.69 25.44 7.16
CA VAL A 384 18.61 24.01 6.90
C VAL A 384 18.75 23.29 8.24
N ARG A 385 17.62 22.79 8.76
CA ARG A 385 17.65 21.88 9.88
C ARG A 385 18.26 20.54 9.45
N THR A 386 19.06 19.96 10.33
CA THR A 386 19.64 18.64 10.05
C THR A 386 19.61 17.80 11.31
N GLY A 387 19.63 16.49 11.12
CA GLY A 387 19.69 15.58 12.24
C GLY A 387 20.23 14.24 11.82
N ILE A 388 20.91 13.57 12.75
CA ILE A 388 21.39 12.21 12.56
C ILE A 388 20.43 11.29 13.28
N TYR A 389 19.72 10.48 12.51
CA TYR A 389 18.58 9.70 13.00
C TYR A 389 18.85 8.21 12.90
N HIS A 390 18.01 7.44 13.58
CA HIS A 390 18.02 5.98 13.49
C HIS A 390 16.57 5.53 13.68
N GLY A 391 15.87 5.33 12.57
CA GLY A 391 14.45 5.03 12.64
C GLY A 391 13.65 6.32 12.63
N GLY A 392 13.25 6.77 13.82
CA GLY A 392 12.61 8.06 13.95
C GLY A 392 13.10 8.81 15.18
N GLU A 393 14.12 8.28 15.83
CA GLU A 393 14.61 8.83 17.09
C GLU A 393 16.01 9.38 16.91
N PRO A 394 16.23 10.68 17.11
CA PRO A 394 17.54 11.25 16.83
C PRO A 394 18.64 10.59 17.65
N LEU A 395 19.79 10.38 17.01
CA LEU A 395 20.98 9.95 17.75
C LEU A 395 21.62 11.11 18.50
N CYS A 396 21.54 12.32 17.95
CA CYS A 396 22.08 13.51 18.58
C CYS A 396 21.20 14.68 18.19
N ASP A 397 21.27 15.75 19.00
CA ASP A 397 20.39 16.89 18.77
C ASP A 397 20.68 17.53 17.42
N ASN A 398 19.63 18.07 16.81
CA ASN A 398 19.76 18.66 15.49
C ASN A 398 20.71 19.86 15.54
N VAL A 399 21.53 19.98 14.50
CA VAL A 399 22.36 21.15 14.31
C VAL A 399 21.70 22.04 13.27
N ASN A 400 22.08 23.31 13.24
CA ASN A 400 21.43 24.27 12.38
C ASN A 400 22.47 25.14 11.69
N THR A 401 22.08 25.69 10.54
CA THR A 401 22.90 26.59 9.76
C THR A 401 22.41 28.02 9.96
N GLN A 402 23.35 28.96 9.97
CA GLN A 402 23.01 30.35 10.26
C GLN A 402 21.99 30.87 9.25
N ARG A 403 21.05 31.67 9.73
CA ARG A 403 20.02 32.22 8.87
C ARG A 403 20.65 33.11 7.81
N VAL A 404 20.09 33.05 6.60
CA VAL A 404 20.53 33.92 5.51
C VAL A 404 19.32 34.35 4.70
N PRO A 405 19.43 35.50 4.02
CA PRO A 405 18.29 35.99 3.24
C PRO A 405 17.91 35.00 2.16
N CYS A 406 16.61 34.92 1.90
CA CYS A 406 16.11 33.94 0.92
C CYS A 406 16.69 34.18 -0.45
N SER A 407 17.03 35.43 -0.78
CA SER A 407 17.55 35.73 -2.12
C SER A 407 18.85 35.01 -2.39
N ASN A 408 19.74 34.93 -1.41
CA ASN A 408 21.05 34.31 -1.60
C ASN A 408 21.16 33.03 -0.77
N PRO A 409 20.48 31.96 -1.17
CA PRO A 409 20.54 30.72 -0.38
C PRO A 409 21.89 30.04 -0.45
N ARG A 410 22.91 30.65 0.14
CA ARG A 410 24.24 30.07 0.20
C ARG A 410 24.73 30.10 1.64
N TRP A 411 25.15 28.95 2.15
CA TRP A 411 25.56 28.82 3.54
C TRP A 411 27.04 28.50 3.69
N ASN A 412 27.52 27.45 3.03
CA ASN A 412 28.95 27.10 3.05
C ASN A 412 29.46 26.92 4.48
N GLU A 413 28.66 26.24 5.30
CA GLU A 413 28.97 26.06 6.71
C GLU A 413 29.20 24.58 7.01
N TRP A 414 30.23 24.30 7.79
CA TRP A 414 30.58 22.92 8.16
C TRP A 414 29.89 22.58 9.48
N LEU A 415 28.66 22.09 9.40
CA LEU A 415 27.96 21.66 10.60
C LEU A 415 28.72 20.53 11.27
N ASN A 416 28.85 20.63 12.59
CA ASN A 416 29.52 19.62 13.40
C ASN A 416 28.51 18.98 14.33
N TYR A 417 28.47 17.65 14.33
CA TYR A 417 27.52 16.90 15.13
C TYR A 417 28.21 16.27 16.33
N ASP A 418 27.42 15.99 17.36
CA ASP A 418 27.95 15.48 18.62
C ASP A 418 28.28 14.00 18.57
N ILE A 419 27.94 13.30 17.49
CA ILE A 419 28.05 11.85 17.46
C ILE A 419 29.43 11.46 16.99
N TYR A 420 30.21 10.85 17.89
CA TYR A 420 31.49 10.27 17.53
C TYR A 420 31.30 9.28 16.38
N ILE A 421 32.13 9.41 15.34
CA ILE A 421 31.84 8.71 14.09
C ILE A 421 31.78 7.20 14.26
N PRO A 422 32.68 6.55 15.01
CA PRO A 422 32.57 5.09 15.14
C PRO A 422 31.27 4.64 15.76
N ASP A 423 30.60 5.49 16.52
CA ASP A 423 29.34 5.15 17.17
C ASP A 423 28.15 5.30 16.25
N LEU A 424 28.37 5.33 14.95
CA LEU A 424 27.27 5.43 14.00
C LEU A 424 26.62 4.06 13.82
N PRO A 425 25.32 3.91 14.06
CA PRO A 425 24.65 2.66 13.73
C PRO A 425 24.52 2.50 12.22
N ARG A 426 24.41 1.24 11.79
CA ARG A 426 24.36 0.96 10.36
C ARG A 426 23.14 1.61 9.71
N ALA A 427 21.99 1.56 10.38
CA ALA A 427 20.77 2.16 9.86
C ALA A 427 20.67 3.65 10.11
N ALA A 428 21.78 4.31 10.40
CA ALA A 428 21.78 5.74 10.64
C ALA A 428 21.42 6.50 9.37
N ARG A 429 20.95 7.73 9.55
CA ARG A 429 20.54 8.56 8.42
C ARG A 429 20.77 10.01 8.77
N LEU A 430 20.75 10.85 7.74
CA LEU A 430 20.87 12.29 7.90
C LEU A 430 19.64 12.92 7.26
N CYS A 431 18.80 13.53 8.08
CA CYS A 431 17.58 14.18 7.60
C CYS A 431 17.83 15.67 7.54
N LEU A 432 17.61 16.27 6.37
CA LEU A 432 17.77 17.69 6.14
C LEU A 432 16.43 18.28 5.78
N SER A 433 16.26 19.57 6.09
CA SER A 433 15.04 20.28 5.77
C SER A 433 15.34 21.76 5.60
N ILE A 434 15.02 22.31 4.45
CA ILE A 434 15.12 23.74 4.22
C ILE A 434 13.80 24.37 4.65
N CYS A 435 13.87 25.28 5.63
CA CYS A 435 12.68 25.88 6.21
C CYS A 435 12.92 27.36 6.46
N SER A 436 11.84 28.13 6.41
CA SER A 436 11.89 29.58 6.50
C SER A 436 11.82 30.03 7.96
N VAL A 437 11.64 31.33 8.16
CA VAL A 437 11.48 31.91 9.49
C VAL A 437 10.59 33.13 9.38
N LYS A 438 9.74 33.33 10.39
CA LYS A 438 8.83 34.47 10.41
C LYS A 438 8.63 34.89 11.87
N GLY A 439 9.37 35.89 12.30
CA GLY A 439 9.32 36.40 13.65
C GLY A 439 8.26 37.45 13.91
N ARG A 440 7.40 37.73 12.93
CA ARG A 440 6.40 38.78 13.10
C ARG A 440 5.43 38.45 14.23
N LYS A 441 5.02 37.17 14.33
CA LYS A 441 4.03 36.80 15.34
C LYS A 441 4.51 37.12 16.75
N GLY A 442 5.82 37.15 16.97
CA GLY A 442 6.35 37.53 18.26
C GLY A 442 7.30 36.53 18.88
N ALA A 443 7.03 36.14 20.12
CA ALA A 443 7.96 35.27 20.84
C ALA A 443 8.14 33.94 20.13
N LYS A 444 7.04 33.35 19.64
CA LYS A 444 7.10 32.08 18.94
C LYS A 444 7.06 32.35 17.44
N GLU A 445 8.23 32.63 16.89
CA GLU A 445 8.35 32.86 15.44
C GLU A 445 8.09 31.54 14.72
N GLU A 446 6.96 31.47 14.02
CA GLU A 446 6.58 30.22 13.37
C GLU A 446 7.62 29.82 12.34
N HIS A 447 7.88 28.52 12.25
CA HIS A 447 8.78 27.95 11.26
C HIS A 447 8.00 27.03 10.35
N CYS A 448 8.22 27.15 9.05
CA CYS A 448 7.58 26.30 8.07
C CYS A 448 8.63 25.61 7.21
N PRO A 449 8.60 24.29 7.10
CA PRO A 449 9.59 23.58 6.29
C PRO A 449 9.25 23.68 4.81
N LEU A 450 10.14 24.31 4.03
CA LEU A 450 9.88 24.45 2.61
C LEU A 450 10.13 23.14 1.86
N ALA A 451 11.13 22.38 2.27
CA ALA A 451 11.44 21.11 1.60
C ALA A 451 12.25 20.24 2.56
N TRP A 452 12.30 18.95 2.24
CA TRP A 452 12.97 17.97 3.09
C TRP A 452 13.76 16.98 2.22
N GLY A 453 14.60 16.19 2.88
CA GLY A 453 15.34 15.16 2.18
C GLY A 453 16.24 14.33 3.09
N ASN A 454 16.24 13.02 2.92
CA ASN A 454 17.02 12.12 3.76
C ASN A 454 18.21 11.57 2.98
N ILE A 455 19.23 11.15 3.71
CA ILE A 455 20.45 10.62 3.12
C ILE A 455 21.05 9.55 4.02
N ASN A 456 21.13 8.32 3.52
CA ASN A 456 21.74 7.26 4.32
C ASN A 456 23.23 7.53 4.49
N LEU A 457 23.72 7.41 5.71
CA LEU A 457 25.14 7.60 5.98
C LEU A 457 25.99 6.45 5.47
N PHE A 458 25.39 5.35 5.07
CA PHE A 458 26.10 4.19 4.56
C PHE A 458 25.48 3.75 3.24
N ASP A 459 26.34 3.43 2.26
CA ASP A 459 25.87 2.98 0.97
C ASP A 459 25.43 1.52 1.04
N TYR A 460 24.81 1.04 -0.05
CA TYR A 460 24.33 -0.34 -0.05
C TYR A 460 25.45 -1.33 0.18
N THR A 461 26.71 -0.93 -0.05
CA THR A 461 27.86 -1.79 0.17
C THR A 461 28.58 -1.47 1.48
N ASP A 462 27.91 -0.81 2.42
CA ASP A 462 28.46 -0.56 3.75
C ASP A 462 29.60 0.46 3.71
N THR A 463 29.42 1.55 2.98
CA THR A 463 30.43 2.61 2.86
C THR A 463 29.82 3.94 3.25
N LEU A 464 30.56 4.72 4.05
CA LEU A 464 30.14 6.08 4.36
C LEU A 464 30.11 6.91 3.08
N VAL A 465 29.00 7.66 2.90
CA VAL A 465 28.95 8.60 1.79
C VAL A 465 30.04 9.65 1.99
N SER A 466 30.84 9.86 0.96
CA SER A 466 31.95 10.81 1.00
C SER A 466 31.80 11.80 -0.15
N GLY A 467 32.72 12.77 -0.20
CA GLY A 467 32.72 13.70 -1.29
C GLY A 467 31.50 14.61 -1.26
N LYS A 468 31.17 15.14 -2.43
CA LYS A 468 30.06 16.07 -2.59
C LYS A 468 28.82 15.35 -3.06
N MET A 469 27.66 15.99 -2.87
CA MET A 469 26.39 15.39 -3.23
C MET A 469 25.39 16.49 -3.55
N ALA A 470 24.43 16.17 -4.41
CA ALA A 470 23.36 17.08 -4.79
C ALA A 470 22.03 16.38 -4.60
N LEU A 471 21.19 16.92 -3.71
CA LEU A 471 19.95 16.27 -3.30
C LEU A 471 18.78 17.16 -3.68
N ASN A 472 17.83 16.61 -4.45
CA ASN A 472 16.59 17.30 -4.76
C ASN A 472 15.60 17.07 -3.63
N LEU A 473 15.20 18.15 -2.97
CA LEU A 473 14.38 18.05 -1.77
C LEU A 473 12.91 17.88 -2.14
N TRP A 474 12.30 16.79 -1.67
CA TRP A 474 10.90 16.55 -1.94
C TRP A 474 10.04 17.65 -1.32
N PRO A 475 8.85 17.90 -1.85
CA PRO A 475 7.93 18.83 -1.19
C PRO A 475 7.52 18.30 0.18
N VAL A 476 7.24 19.22 1.08
CA VAL A 476 6.83 18.82 2.43
C VAL A 476 5.42 18.23 2.39
N PRO A 477 5.17 17.09 3.02
CA PRO A 477 3.84 16.49 2.96
C PRO A 477 2.81 17.35 3.67
N HIS A 478 1.56 17.22 3.25
CA HIS A 478 0.48 17.95 3.88
C HIS A 478 0.27 17.44 5.30
N GLY A 479 0.19 18.37 6.26
CA GLY A 479 -0.01 18.02 7.64
C GLY A 479 1.25 17.76 8.43
N LEU A 480 2.42 17.79 7.80
CA LEU A 480 3.69 17.57 8.49
C LEU A 480 4.06 18.86 9.22
N GLU A 481 3.56 18.99 10.45
CA GLU A 481 3.85 20.18 11.24
C GLU A 481 5.35 20.27 11.55
N ASP A 482 5.97 19.14 11.88
CA ASP A 482 7.36 19.12 12.28
C ASP A 482 8.25 19.68 11.16
N LEU A 483 9.52 19.92 11.51
CA LEU A 483 10.48 20.47 10.56
C LEU A 483 11.23 19.38 9.81
N LEU A 484 11.62 18.31 10.49
CA LEU A 484 12.35 17.19 9.88
C LEU A 484 11.40 16.04 9.65
N ASN A 485 11.44 15.47 8.44
CA ASN A 485 10.64 14.30 8.11
C ASN A 485 11.56 13.08 8.07
N PRO A 486 11.76 12.41 9.21
CA PRO A 486 12.73 11.30 9.29
C PRO A 486 12.21 9.96 8.82
N ILE A 487 10.99 9.90 8.28
CA ILE A 487 10.41 8.64 7.83
C ILE A 487 10.37 8.53 6.31
N GLY A 488 10.65 9.60 5.58
CA GLY A 488 10.45 9.62 4.16
C GLY A 488 11.53 8.88 3.39
N VAL A 489 11.39 8.95 2.06
CA VAL A 489 12.32 8.26 1.16
C VAL A 489 13.72 8.81 1.33
N THR A 490 14.70 7.93 1.42
CA THR A 490 16.10 8.34 1.55
C THR A 490 16.73 8.41 0.15
N GLY A 491 16.28 9.39 -0.62
CA GLY A 491 16.81 9.58 -1.96
C GLY A 491 16.43 10.93 -2.51
N SER A 492 17.11 11.31 -3.57
CA SER A 492 16.86 12.58 -4.23
C SER A 492 15.54 12.55 -5.00
N ASN A 493 14.87 13.68 -5.05
CA ASN A 493 13.63 13.78 -5.81
C ASN A 493 13.93 13.59 -7.29
N PRO A 494 13.27 12.65 -7.96
CA PRO A 494 13.53 12.47 -9.40
C PRO A 494 13.26 13.73 -10.21
N ASN A 495 12.22 14.48 -9.86
CA ASN A 495 11.91 15.70 -10.59
C ASN A 495 13.06 16.70 -10.47
N LYS A 496 13.49 17.26 -11.59
CA LYS A 496 14.64 18.15 -11.61
C LYS A 496 14.27 19.62 -11.49
N GLU A 497 12.99 19.96 -11.44
CA GLU A 497 12.61 21.32 -11.07
C GLU A 497 12.53 21.49 -9.56
N THR A 498 12.80 20.43 -8.80
CA THR A 498 12.79 20.48 -7.36
C THR A 498 13.95 21.33 -6.83
N PRO A 499 13.81 21.98 -5.64
CA PRO A 499 14.90 22.67 -4.99
C PRO A 499 16.10 21.82 -4.61
N CYS A 500 17.19 21.91 -5.36
CA CYS A 500 18.42 21.16 -5.06
C CYS A 500 19.01 21.64 -3.75
N LEU A 501 19.97 20.91 -3.21
CA LEU A 501 20.65 21.32 -1.97
C LEU A 501 22.00 20.64 -2.04
N GLU A 502 23.06 21.39 -2.07
CA GLU A 502 24.37 20.76 -2.23
C GLU A 502 24.97 20.48 -0.87
N LEU A 503 25.62 19.36 -0.70
CA LEU A 503 26.19 18.87 0.55
C LEU A 503 27.59 18.36 0.28
N GLU A 504 28.40 18.32 1.34
CA GLU A 504 29.71 17.69 1.27
C GLU A 504 29.96 16.94 2.56
N PHE A 505 30.73 15.87 2.47
CA PHE A 505 31.07 15.05 3.62
C PHE A 505 32.58 15.05 3.81
N ASP A 506 33.02 14.51 4.93
CA ASP A 506 34.44 14.43 5.21
C ASP A 506 35.10 13.35 4.34
N TRP A 507 36.39 13.54 4.08
CA TRP A 507 37.20 12.55 3.38
C TRP A 507 38.26 12.04 4.33
N PHE A 508 38.32 10.71 4.50
CA PHE A 508 39.22 10.09 5.45
C PHE A 508 40.44 9.46 4.77
N SER A 509 40.82 9.94 3.60
CA SER A 509 41.97 9.44 2.86
C SER A 509 41.86 7.96 2.52
N SER A 510 40.64 7.43 2.53
CA SER A 510 40.37 6.04 2.21
C SER A 510 38.87 5.82 2.29
N VAL A 511 38.43 4.65 1.82
CA VAL A 511 37.02 4.29 1.90
C VAL A 511 36.74 3.71 3.29
N VAL A 512 35.71 4.22 3.95
CA VAL A 512 35.32 3.78 5.28
C VAL A 512 34.09 2.88 5.15
N LYS A 513 34.18 1.68 5.73
CA LYS A 513 33.11 0.70 5.65
C LYS A 513 32.77 0.21 7.06
N PHE A 514 31.51 -0.17 7.24
CA PHE A 514 31.09 -0.74 8.50
C PHE A 514 31.89 -2.01 8.79
N PRO A 515 32.38 -2.19 10.02
CA PRO A 515 33.20 -3.36 10.32
C PRO A 515 32.44 -4.66 10.07
N ASP A 516 33.18 -5.69 9.67
CA ASP A 516 32.58 -6.97 9.36
C ASP A 516 31.99 -7.60 10.62
N MET A 517 31.00 -8.47 10.42
CA MET A 517 30.26 -9.07 11.52
C MET A 517 31.20 -9.67 12.56
N SER A 518 32.20 -10.43 12.10
CA SER A 518 33.13 -11.06 13.05
C SER A 518 33.83 -10.02 13.91
N VAL A 519 34.13 -8.85 13.34
CA VAL A 519 34.78 -7.81 14.13
C VAL A 519 33.86 -7.33 15.24
N ILE A 520 32.58 -7.16 14.95
CA ILE A 520 31.64 -6.74 15.98
C ILE A 520 31.50 -7.80 17.05
N GLU A 521 31.44 -9.07 16.69
CA GLU A 521 31.20 -10.09 17.75
C GLU A 521 32.48 -10.35 18.53
N GLU A 522 33.47 -9.46 18.45
CA GLU A 522 34.70 -9.61 19.28
C GLU A 522 34.72 -8.45 20.28
N HIS A 523 34.31 -7.26 19.85
CA HIS A 523 34.12 -6.14 20.81
C HIS A 523 33.24 -6.71 21.91
N ALA A 524 31.94 -6.82 21.65
CA ALA A 524 31.08 -7.53 22.61
C ALA A 524 31.71 -8.91 22.71
N ASN A 525 31.81 -9.50 23.90
CA ASN A 525 32.51 -10.79 24.14
C ASN A 525 33.91 -10.42 24.61
N TRP A 526 34.20 -9.13 24.68
CA TRP A 526 35.48 -8.66 25.27
C TRP A 526 35.19 -7.33 25.96
N SER A 527 34.19 -6.59 25.46
CA SER A 527 33.77 -5.34 26.12
C SER A 527 32.52 -5.61 26.94
N VAL A 528 32.52 -6.68 27.75
CA VAL A 528 31.34 -6.90 28.63
C VAL A 528 31.74 -6.51 30.06
N ARG A 552 15.01 -12.97 41.11
CA ARG A 552 13.86 -13.68 41.65
C ARG A 552 12.57 -13.21 41.00
N GLU A 553 11.44 -13.69 41.51
CA GLU A 553 10.15 -13.29 40.96
C GLU A 553 9.82 -11.84 41.22
N ASN A 554 10.58 -11.14 42.07
CA ASN A 554 10.35 -9.72 42.28
C ASN A 554 10.53 -8.94 40.98
N ASP A 555 11.56 -9.27 40.20
CA ASP A 555 11.79 -8.65 38.91
C ASP A 555 11.27 -9.46 37.74
N LYS A 556 11.33 -10.80 37.83
CA LYS A 556 10.89 -11.63 36.71
C LYS A 556 9.45 -11.35 36.30
N GLU A 557 8.63 -10.88 37.24
CA GLU A 557 7.26 -10.52 36.88
C GLU A 557 7.23 -9.20 36.12
N GLN A 558 8.14 -8.27 36.43
CA GLN A 558 8.17 -7.00 35.72
C GLN A 558 8.51 -7.19 34.25
N LEU A 559 9.43 -8.10 33.95
CA LEU A 559 9.79 -8.36 32.56
C LEU A 559 8.57 -8.84 31.77
N LYS A 560 7.81 -9.77 32.33
CA LYS A 560 6.63 -10.27 31.63
C LYS A 560 5.56 -9.21 31.52
N ALA A 561 5.40 -8.38 32.56
CA ALA A 561 4.43 -7.29 32.48
C ALA A 561 4.79 -6.32 31.37
N ILE A 562 6.08 -6.03 31.22
CA ILE A 562 6.53 -5.16 30.13
C ILE A 562 6.27 -5.82 28.79
N SER A 563 6.68 -7.08 28.65
CA SER A 563 6.55 -7.77 27.36
C SER A 563 5.10 -7.84 26.91
N THR A 564 4.17 -8.09 27.84
CA THR A 564 2.76 -8.15 27.49
C THR A 564 2.21 -6.77 27.11
N ARG A 565 2.96 -5.71 27.30
CA ARG A 565 2.47 -4.36 27.06
C ARG A 565 2.44 -4.04 25.56
N ASP A 566 1.67 -3.02 25.22
CA ASP A 566 1.51 -2.63 23.83
C ASP A 566 2.84 -2.13 23.27
N PRO A 567 3.11 -2.36 21.98
CA PRO A 567 4.29 -1.73 21.36
C PRO A 567 4.14 -0.24 21.13
N LEU A 568 2.91 0.29 21.11
CA LEU A 568 2.66 1.71 20.93
C LEU A 568 2.54 2.46 22.25
N SER A 569 2.76 1.80 23.38
CA SER A 569 2.66 2.43 24.69
C SER A 569 3.94 3.21 24.97
N GLU A 570 4.11 3.65 26.22
CA GLU A 570 5.24 4.46 26.64
C GLU A 570 6.15 3.65 27.56
N ILE A 571 7.46 3.82 27.37
CA ILE A 571 8.46 3.15 28.18
C ILE A 571 9.30 4.22 28.89
N THR A 572 9.41 4.11 30.20
CA THR A 572 10.14 5.07 31.01
C THR A 572 11.62 4.67 31.11
N GLU A 573 12.44 5.65 31.49
CA GLU A 573 13.88 5.42 31.51
C GLU A 573 14.27 4.33 32.52
N GLN A 574 13.56 4.26 33.65
CA GLN A 574 13.81 3.15 34.56
C GLN A 574 13.53 1.81 33.88
N GLU A 575 12.47 1.75 33.07
CA GLU A 575 12.17 0.52 32.36
C GLU A 575 13.27 0.16 31.36
N LYS A 576 13.77 1.14 30.62
CA LYS A 576 14.85 0.87 29.67
C LYS A 576 16.11 0.37 30.39
N ASP A 577 16.48 1.05 31.48
CA ASP A 577 17.66 0.63 32.23
C ASP A 577 17.48 -0.75 32.83
N PHE A 578 16.27 -1.05 33.32
CA PHE A 578 15.98 -2.36 33.87
C PHE A 578 16.10 -3.44 32.79
N LEU A 579 15.49 -3.19 31.63
CA LEU A 579 15.54 -4.17 30.56
C LEU A 579 16.98 -4.42 30.11
N TRP A 580 17.75 -3.36 29.91
CA TRP A 580 19.12 -3.55 29.47
C TRP A 580 19.98 -4.21 30.55
N SER A 581 19.66 -3.97 31.82
CA SER A 581 20.39 -4.65 32.89
C SER A 581 20.14 -6.15 32.85
N HIS A 582 18.92 -6.56 32.51
CA HIS A 582 18.53 -7.96 32.40
C HIS A 582 18.38 -8.38 30.95
N ARG A 583 19.24 -7.87 30.08
CA ARG A 583 19.22 -8.29 28.68
C ARG A 583 19.54 -9.77 28.57
N HIS A 584 20.55 -10.25 29.29
CA HIS A 584 20.94 -11.65 29.20
C HIS A 584 19.81 -12.56 29.63
N TYR A 585 19.10 -12.20 30.71
CA TYR A 585 18.01 -13.02 31.20
C TYR A 585 16.76 -12.91 30.33
N CYS A 586 16.66 -11.87 29.50
CA CYS A 586 15.47 -11.72 28.66
C CYS A 586 15.34 -12.82 27.62
N VAL A 587 16.39 -13.61 27.39
CA VAL A 587 16.31 -14.68 26.40
C VAL A 587 15.19 -15.66 26.77
N THR A 588 15.04 -15.96 28.06
CA THR A 588 13.98 -16.87 28.47
C THR A 588 12.60 -16.34 28.12
N ILE A 589 12.46 -15.02 27.95
CA ILE A 589 11.21 -14.44 27.48
C ILE A 589 11.43 -13.99 26.04
N PRO A 590 11.31 -14.90 25.06
CA PRO A 590 11.66 -14.53 23.69
C PRO A 590 10.78 -13.44 23.08
N GLU A 591 9.60 -13.18 23.63
CA GLU A 591 8.71 -12.16 23.10
C GLU A 591 9.01 -10.78 23.66
N ILE A 592 10.23 -10.55 24.14
CA ILE A 592 10.64 -9.27 24.71
C ILE A 592 11.62 -8.53 23.83
N LEU A 593 12.03 -9.11 22.69
CA LEU A 593 12.90 -8.39 21.78
C LEU A 593 12.27 -7.09 21.28
N PRO A 594 11.00 -7.04 20.88
CA PRO A 594 10.44 -5.76 20.45
C PRO A 594 10.53 -4.66 21.47
N LYS A 595 10.78 -5.00 22.74
CA LYS A 595 10.95 -4.02 23.80
C LYS A 595 12.41 -3.81 24.18
N LEU A 596 13.16 -4.89 24.37
CA LEU A 596 14.57 -4.74 24.70
C LEU A 596 15.31 -3.97 23.62
N LEU A 597 14.85 -4.04 22.37
CA LEU A 597 15.48 -3.27 21.31
C LEU A 597 15.39 -1.79 21.61
N LEU A 598 14.25 -1.32 22.09
CA LEU A 598 14.12 0.08 22.48
C LEU A 598 14.98 0.43 23.68
N SER A 599 15.42 -0.57 24.44
CA SER A 599 16.26 -0.33 25.61
C SER A 599 17.73 -0.17 25.28
N VAL A 600 18.12 -0.32 24.01
CA VAL A 600 19.51 -0.22 23.59
C VAL A 600 19.78 1.18 23.11
N LYS A 601 20.94 1.72 23.49
CA LYS A 601 21.38 3.03 23.02
C LYS A 601 22.15 2.82 21.72
N TRP A 602 21.50 3.11 20.60
CA TRP A 602 22.15 2.96 19.31
C TRP A 602 23.28 3.95 19.10
N ASN A 603 23.40 4.95 19.98
CA ASN A 603 24.51 5.90 19.94
C ASN A 603 25.84 5.28 20.32
N SER A 604 25.85 4.07 20.87
CA SER A 604 27.06 3.48 21.41
C SER A 604 27.56 2.38 20.48
N ARG A 605 28.72 1.83 20.84
CA ARG A 605 29.31 0.70 20.14
C ARG A 605 29.30 -0.59 20.95
N ASP A 606 29.64 -0.52 22.24
CA ASP A 606 29.57 -1.71 23.08
C ASP A 606 28.13 -2.20 23.20
N GLU A 607 27.19 -1.27 23.39
CA GLU A 607 25.79 -1.67 23.52
C GLU A 607 25.28 -2.31 22.25
N VAL A 608 25.58 -1.72 21.09
CA VAL A 608 25.10 -2.29 19.84
C VAL A 608 25.80 -3.61 19.53
N ALA A 609 27.09 -3.72 19.88
CA ALA A 609 27.77 -4.99 19.68
C ALA A 609 27.15 -6.09 20.53
N GLN A 610 26.84 -5.79 21.79
CA GLN A 610 26.18 -6.78 22.64
C GLN A 610 24.79 -7.11 22.13
N MET A 611 24.07 -6.11 21.63
CA MET A 611 22.75 -6.38 21.06
C MET A 611 22.86 -7.28 19.83
N TYR A 612 23.91 -7.09 19.03
CA TYR A 612 24.12 -7.98 17.89
C TYR A 612 24.42 -9.40 18.34
N CYS A 613 25.31 -9.55 19.31
CA CYS A 613 25.61 -10.88 19.83
C CYS A 613 24.39 -11.52 20.48
N LEU A 614 23.43 -10.72 20.94
CA LEU A 614 22.19 -11.27 21.48
C LEU A 614 21.23 -11.70 20.37
N VAL A 615 20.93 -10.79 19.44
CA VAL A 615 20.01 -11.09 18.35
C VAL A 615 20.54 -12.25 17.51
N LYS A 616 21.84 -12.52 17.55
CA LYS A 616 22.37 -13.66 16.83
C LYS A 616 21.87 -14.98 17.38
N ASP A 617 21.67 -15.07 18.71
CA ASP A 617 21.27 -16.31 19.38
C ASP A 617 19.94 -16.16 20.10
N TRP A 618 18.98 -15.56 19.45
CA TRP A 618 17.68 -15.32 20.06
C TRP A 618 16.71 -16.44 19.72
N PRO A 619 16.01 -17.01 20.70
CA PRO A 619 14.99 -18.00 20.37
C PRO A 619 13.92 -17.39 19.48
N PRO A 620 13.31 -18.18 18.61
CA PRO A 620 12.38 -17.63 17.63
C PRO A 620 11.11 -17.11 18.29
N ILE A 621 10.43 -16.23 17.55
CA ILE A 621 9.19 -15.62 18.00
C ILE A 621 8.11 -15.89 16.96
N LYS A 622 6.88 -15.52 17.31
CA LYS A 622 5.76 -15.77 16.42
C LYS A 622 5.76 -14.77 15.25
N PRO A 623 5.21 -15.16 14.11
CA PRO A 623 5.14 -14.21 12.97
C PRO A 623 4.37 -12.94 13.30
N GLU A 624 3.29 -13.03 14.08
CA GLU A 624 2.57 -11.82 14.46
C GLU A 624 3.39 -10.91 15.36
N GLN A 625 4.43 -11.45 16.00
CA GLN A 625 5.38 -10.64 16.75
C GLN A 625 6.60 -10.25 15.93
N ALA A 626 6.90 -10.99 14.87
CA ALA A 626 7.99 -10.66 13.97
C ALA A 626 7.58 -9.67 12.89
N MET A 627 6.29 -9.36 12.77
CA MET A 627 5.88 -8.24 11.94
C MET A 627 6.12 -6.90 12.61
N GLU A 628 6.33 -6.89 13.92
CA GLU A 628 6.73 -5.66 14.60
C GLU A 628 8.17 -5.28 14.24
N LEU A 629 9.07 -6.26 14.27
CA LEU A 629 10.47 -6.03 13.92
C LEU A 629 10.65 -5.66 12.46
N LEU A 630 9.57 -5.52 11.71
CA LEU A 630 9.65 -5.12 10.30
C LEU A 630 8.91 -3.80 10.09
N ASP A 631 9.16 -2.84 10.96
CA ASP A 631 8.55 -1.52 10.85
C ASP A 631 9.65 -0.45 10.91
N CYS A 632 9.24 0.80 10.72
CA CYS A 632 10.20 1.90 10.80
C CYS A 632 10.96 1.91 12.12
N ASN A 633 10.31 1.45 13.19
CA ASN A 633 10.94 1.50 14.50
C ASN A 633 12.25 0.75 14.54
N TYR A 634 12.38 -0.30 13.74
CA TYR A 634 13.50 -1.24 13.83
C TYR A 634 14.18 -1.32 12.48
N PRO A 635 15.06 -0.37 12.17
CA PRO A 635 15.75 -0.36 10.87
C PRO A 635 17.10 -1.04 10.84
N ASP A 636 17.52 -1.68 11.93
CA ASP A 636 18.82 -2.31 11.95
C ASP A 636 18.86 -3.47 10.96
N PRO A 637 19.96 -3.65 10.23
CA PRO A 637 20.03 -4.80 9.30
C PRO A 637 19.80 -6.15 9.97
N MET A 638 20.44 -6.41 11.11
CA MET A 638 20.34 -7.73 11.71
C MET A 638 19.00 -7.97 12.40
N VAL A 639 18.42 -6.93 13.00
CA VAL A 639 17.08 -7.08 13.57
C VAL A 639 16.09 -7.50 12.51
N ARG A 640 16.10 -6.81 11.37
CA ARG A 640 15.16 -7.13 10.31
C ARG A 640 15.50 -8.44 9.62
N GLY A 641 16.78 -8.80 9.56
CA GLY A 641 17.14 -10.11 9.06
C GLY A 641 16.60 -11.23 9.94
N PHE A 642 16.70 -11.06 11.26
CA PHE A 642 16.12 -12.04 12.18
C PHE A 642 14.60 -12.09 12.04
N ALA A 643 13.96 -10.93 11.91
CA ALA A 643 12.50 -10.92 11.74
C ALA A 643 12.10 -11.65 10.47
N VAL A 644 12.84 -11.45 9.39
CA VAL A 644 12.52 -12.13 8.14
C VAL A 644 12.80 -13.62 8.24
N ARG A 645 13.84 -14.02 8.98
CA ARG A 645 14.07 -15.44 9.21
C ARG A 645 12.87 -16.06 9.92
N CYS A 646 12.35 -15.38 10.94
CA CYS A 646 11.16 -15.88 11.63
C CYS A 646 9.97 -15.95 10.69
N LEU A 647 9.77 -14.93 9.85
CA LEU A 647 8.66 -14.96 8.91
C LEU A 647 8.77 -16.14 7.96
N GLU A 648 9.97 -16.38 7.42
CA GLU A 648 10.17 -17.52 6.54
C GLU A 648 9.88 -18.83 7.25
N LYS A 649 10.39 -18.98 8.47
CA LYS A 649 10.28 -20.25 9.16
C LYS A 649 8.84 -20.56 9.57
N TYR A 650 8.08 -19.55 10.02
CA TYR A 650 6.81 -19.81 10.67
C TYR A 650 5.59 -19.21 10.00
N LEU A 651 5.76 -18.30 9.04
CA LEU A 651 4.60 -17.66 8.42
C LEU A 651 4.05 -18.58 7.34
N THR A 652 2.84 -19.09 7.56
CA THR A 652 2.17 -19.94 6.59
C THR A 652 1.58 -19.10 5.46
N ASP A 653 1.31 -19.77 4.34
CA ASP A 653 0.81 -19.06 3.17
C ASP A 653 -0.57 -18.45 3.43
N ASP A 654 -1.40 -19.09 4.24
CA ASP A 654 -2.71 -18.52 4.55
C ASP A 654 -2.59 -17.19 5.26
N LYS A 655 -1.69 -17.10 6.24
CA LYS A 655 -1.43 -15.81 6.89
C LYS A 655 -0.78 -14.84 5.93
N LEU A 656 0.26 -15.28 5.22
CA LEU A 656 0.96 -14.40 4.30
C LEU A 656 0.01 -13.79 3.28
N SER A 657 -1.07 -14.48 2.94
CA SER A 657 -2.06 -13.92 2.02
C SER A 657 -2.99 -12.92 2.69
N GLN A 658 -2.93 -12.77 4.01
CA GLN A 658 -3.75 -11.82 4.74
C GLN A 658 -2.95 -10.63 5.25
N TYR A 659 -1.86 -10.89 5.96
CA TYR A 659 -0.89 -9.83 6.27
C TYR A 659 0.02 -9.59 5.08
N LEU A 660 -0.56 -9.31 3.92
CA LEU A 660 0.22 -9.00 2.73
C LEU A 660 0.20 -7.51 2.40
N ILE A 661 -0.93 -6.84 2.60
CA ILE A 661 -0.96 -5.39 2.40
C ILE A 661 0.09 -4.73 3.30
N GLN A 662 0.16 -5.16 4.56
CA GLN A 662 1.09 -4.55 5.50
C GLN A 662 2.53 -4.80 5.10
N LEU A 663 2.86 -6.01 4.65
CA LEU A 663 4.23 -6.30 4.22
C LEU A 663 4.60 -5.51 2.96
N VAL A 664 3.68 -5.42 2.00
CA VAL A 664 3.93 -4.62 0.81
C VAL A 664 4.16 -3.16 1.18
N GLN A 665 3.31 -2.62 2.08
CA GLN A 665 3.48 -1.24 2.51
C GLN A 665 4.81 -1.03 3.22
N VAL A 666 5.17 -1.96 4.11
CA VAL A 666 6.43 -1.86 4.82
C VAL A 666 7.62 -1.98 3.88
N LEU A 667 7.41 -2.53 2.69
CA LEU A 667 8.49 -2.55 1.70
C LEU A 667 9.05 -1.14 1.49
N LYS A 668 8.21 -0.11 1.54
CA LYS A 668 8.67 1.25 1.28
C LYS A 668 9.70 1.68 2.31
N TYR A 669 9.47 1.37 3.58
CA TYR A 669 10.31 1.84 4.67
C TYR A 669 11.59 1.05 4.82
N GLU A 670 11.98 0.29 3.81
CA GLU A 670 13.24 -0.46 3.86
C GLU A 670 14.37 0.42 3.38
N GLN A 671 15.54 0.26 4.01
CA GLN A 671 16.64 1.17 3.78
C GLN A 671 17.10 1.14 2.33
N TYR A 672 17.40 -0.05 1.82
CA TYR A 672 18.01 -0.24 0.51
C TYR A 672 17.00 -0.87 -0.45
N LEU A 673 17.49 -1.24 -1.63
CA LEU A 673 16.68 -1.92 -2.64
C LEU A 673 16.84 -3.43 -2.60
N ASP A 674 18.02 -3.94 -2.25
CA ASP A 674 18.30 -5.36 -2.20
C ASP A 674 18.39 -5.77 -0.73
N ASN A 675 17.30 -6.30 -0.20
CA ASN A 675 17.20 -6.66 1.21
C ASN A 675 16.48 -7.99 1.34
N LEU A 676 16.59 -8.59 2.53
CA LEU A 676 16.06 -9.93 2.73
C LEU A 676 14.54 -9.98 2.61
N LEU A 677 13.86 -8.93 3.06
CA LEU A 677 12.39 -8.94 3.02
C LEU A 677 11.88 -9.00 1.60
N VAL A 678 12.51 -8.26 0.68
CA VAL A 678 12.03 -8.27 -0.70
C VAL A 678 12.31 -9.63 -1.34
N ARG A 679 13.45 -10.23 -1.03
CA ARG A 679 13.72 -11.57 -1.54
C ARG A 679 12.67 -12.56 -1.06
N PHE A 680 12.33 -12.51 0.23
CA PHE A 680 11.32 -13.41 0.77
C PHE A 680 9.97 -13.20 0.09
N LEU A 681 9.53 -11.95 0.00
CA LEU A 681 8.24 -11.67 -0.60
C LEU A 681 8.21 -12.04 -2.07
N LEU A 682 9.29 -11.78 -2.81
CA LEU A 682 9.33 -12.13 -4.22
C LEU A 682 9.30 -13.63 -4.43
N LYS A 683 10.06 -14.39 -3.62
CA LYS A 683 10.01 -15.84 -3.75
C LYS A 683 8.62 -16.37 -3.44
N LYS A 684 7.97 -15.83 -2.41
CA LYS A 684 6.60 -16.26 -2.11
C LYS A 684 5.65 -15.93 -3.24
N ALA A 685 5.81 -14.76 -3.86
CA ALA A 685 4.93 -14.36 -4.95
C ALA A 685 5.20 -15.15 -6.22
N LEU A 686 6.41 -15.67 -6.39
CA LEU A 686 6.75 -16.45 -7.57
C LEU A 686 6.47 -17.93 -7.41
N THR A 687 6.35 -18.43 -6.19
CA THR A 687 6.03 -19.82 -5.95
C THR A 687 4.55 -20.07 -5.70
N ASN A 688 3.70 -19.06 -5.94
CA ASN A 688 2.27 -19.19 -5.67
C ASN A 688 1.54 -18.06 -6.38
N GLN A 689 0.69 -18.39 -7.35
CA GLN A 689 0.00 -17.33 -8.08
C GLN A 689 -1.09 -16.66 -7.24
N ARG A 690 -1.64 -17.35 -6.24
CA ARG A 690 -2.66 -16.71 -5.43
C ARG A 690 -2.06 -15.53 -4.66
N ILE A 691 -0.89 -15.73 -4.07
CA ILE A 691 -0.19 -14.61 -3.44
C ILE A 691 0.33 -13.64 -4.49
N GLY A 692 0.82 -14.16 -5.62
CA GLY A 692 1.44 -13.30 -6.61
C GLY A 692 0.49 -12.33 -7.28
N HIS A 693 -0.75 -12.75 -7.52
CA HIS A 693 -1.73 -11.88 -8.15
C HIS A 693 -1.97 -10.64 -7.30
N PHE A 694 -2.21 -10.83 -6.00
CA PHE A 694 -2.44 -9.70 -5.11
C PHE A 694 -1.15 -8.93 -4.84
N PHE A 695 -0.01 -9.62 -4.84
CA PHE A 695 1.27 -8.92 -4.74
C PHE A 695 1.42 -7.91 -5.88
N PHE A 696 1.20 -8.38 -7.11
CA PHE A 696 1.29 -7.50 -8.27
C PHE A 696 0.28 -6.37 -8.17
N TRP A 697 -0.95 -6.67 -7.78
CA TRP A 697 -1.97 -5.62 -7.79
C TRP A 697 -1.72 -4.59 -6.71
N HIS A 698 -1.25 -5.01 -5.53
CA HIS A 698 -0.89 -4.05 -4.50
C HIS A 698 0.28 -3.18 -4.93
N LEU A 699 1.32 -3.80 -5.53
CA LEU A 699 2.45 -3.00 -5.99
C LEU A 699 2.02 -2.00 -7.06
N LYS A 700 1.19 -2.43 -8.00
CA LYS A 700 0.73 -1.53 -9.05
C LYS A 700 -0.13 -0.41 -8.49
N SER A 701 -0.99 -0.72 -7.52
CA SER A 701 -1.81 0.32 -6.90
C SER A 701 -0.94 1.35 -6.20
N GLU A 702 0.09 0.91 -5.47
CA GLU A 702 0.97 1.85 -4.79
C GLU A 702 1.98 2.50 -5.71
N MET A 703 2.10 2.03 -6.95
CA MET A 703 3.08 2.58 -7.89
C MET A 703 2.47 3.69 -8.75
N HIS A 704 1.87 4.66 -8.09
CA HIS A 704 1.53 5.95 -8.71
C HIS A 704 2.00 7.13 -7.89
N ASN A 705 2.22 6.94 -6.58
CA ASN A 705 2.92 7.94 -5.77
C ASN A 705 4.40 7.95 -6.18
N LYS A 706 4.87 9.11 -6.64
CA LYS A 706 6.23 9.17 -7.19
C LYS A 706 7.28 8.76 -6.18
N THR A 707 6.97 8.81 -4.89
CA THR A 707 7.97 8.45 -3.88
C THR A 707 8.35 6.98 -3.99
N VAL A 708 7.39 6.10 -4.25
CA VAL A 708 7.65 4.67 -4.35
C VAL A 708 7.37 4.17 -5.75
N SER A 709 7.53 5.04 -6.74
CA SER A 709 7.36 4.62 -8.13
C SER A 709 8.53 3.76 -8.59
N GLN A 710 9.77 4.19 -8.31
CA GLN A 710 10.93 3.51 -8.87
C GLN A 710 11.14 2.13 -8.24
N ARG A 711 11.06 2.05 -6.92
CA ARG A 711 11.28 0.78 -6.24
C ARG A 711 10.22 -0.24 -6.64
N PHE A 712 8.96 0.17 -6.65
CA PHE A 712 7.90 -0.74 -7.03
C PHE A 712 7.96 -1.08 -8.51
N GLY A 713 8.42 -0.17 -9.36
CA GLY A 713 8.60 -0.52 -10.76
C GLY A 713 9.69 -1.55 -10.97
N LEU A 714 10.81 -1.39 -10.27
CA LEU A 714 11.86 -2.41 -10.34
C LEU A 714 11.34 -3.76 -9.87
N LEU A 715 10.60 -3.77 -8.76
CA LEU A 715 10.07 -5.03 -8.24
C LEU A 715 9.06 -5.64 -9.19
N LEU A 716 8.21 -4.81 -9.79
CA LEU A 716 7.22 -5.31 -10.74
C LEU A 716 7.89 -5.89 -11.98
N GLU A 717 8.96 -5.25 -12.46
CA GLU A 717 9.74 -5.82 -13.55
C GLU A 717 10.33 -7.18 -13.16
N SER A 718 10.93 -7.25 -11.98
CA SER A 718 11.53 -8.51 -11.55
C SER A 718 10.49 -9.61 -11.44
N TYR A 719 9.28 -9.25 -11.02
CA TYR A 719 8.21 -10.24 -10.93
C TYR A 719 7.72 -10.66 -12.31
N CYS A 720 7.45 -9.70 -13.19
CA CYS A 720 6.91 -10.02 -14.51
C CYS A 720 7.90 -10.77 -15.38
N ARG A 721 9.21 -10.61 -15.13
CA ARG A 721 10.18 -11.36 -15.91
C ARG A 721 10.05 -12.86 -15.64
N ALA A 722 9.80 -13.25 -14.40
CA ALA A 722 9.62 -14.65 -14.03
C ALA A 722 8.20 -14.96 -13.57
N CYS A 723 7.25 -14.06 -13.86
CA CYS A 723 5.86 -14.31 -13.49
C CYS A 723 5.31 -15.56 -14.17
N GLY A 724 5.88 -15.93 -15.31
CA GLY A 724 5.36 -17.06 -16.06
C GLY A 724 4.39 -16.62 -17.13
N MET A 725 3.37 -17.44 -17.39
CA MET A 725 2.35 -17.08 -18.37
C MET A 725 1.28 -16.16 -17.78
N TYR A 726 1.25 -15.98 -16.47
CA TYR A 726 0.21 -15.16 -15.86
C TYR A 726 0.20 -13.75 -16.41
N LEU A 727 1.32 -13.30 -16.99
CA LEU A 727 1.33 -11.99 -17.62
C LEU A 727 0.17 -11.83 -18.58
N LYS A 728 -0.03 -12.82 -19.45
CA LYS A 728 -1.11 -12.71 -20.44
C LYS A 728 -2.45 -12.50 -19.76
N HIS A 729 -2.64 -13.08 -18.57
CA HIS A 729 -3.86 -12.85 -17.81
C HIS A 729 -3.86 -11.47 -17.17
N LEU A 730 -2.74 -11.06 -16.57
CA LEU A 730 -2.70 -9.77 -15.88
C LEU A 730 -3.02 -8.64 -16.84
N ASN A 731 -2.39 -8.65 -18.02
CA ASN A 731 -2.73 -7.66 -19.03
C ASN A 731 -4.23 -7.66 -19.31
N ARG A 732 -4.81 -8.86 -19.46
CA ARG A 732 -6.24 -8.94 -19.69
C ARG A 732 -7.02 -8.15 -18.64
N GLN A 733 -6.61 -8.28 -17.38
CA GLN A 733 -7.23 -7.47 -16.33
C GLN A 733 -6.89 -6.00 -16.52
N VAL A 734 -5.60 -5.70 -16.68
CA VAL A 734 -5.16 -4.30 -16.66
C VAL A 734 -5.93 -3.50 -17.70
N GLU A 735 -5.74 -3.84 -18.98
CA GLU A 735 -6.46 -3.10 -20.03
C GLU A 735 -7.95 -3.09 -19.76
N ALA A 736 -8.48 -4.22 -19.27
CA ALA A 736 -9.91 -4.27 -18.98
C ALA A 736 -10.30 -3.13 -18.06
N MET A 737 -9.60 -2.99 -16.94
CA MET A 737 -9.92 -1.91 -16.00
C MET A 737 -9.79 -0.57 -16.68
N GLU A 738 -8.76 -0.39 -17.53
CA GLU A 738 -8.63 0.86 -18.27
C GLU A 738 -9.89 1.14 -19.06
N LYS A 739 -10.38 0.15 -19.80
CA LYS A 739 -11.57 0.37 -20.62
C LYS A 739 -12.75 0.85 -19.77
N LEU A 740 -12.75 0.49 -18.48
CA LEU A 740 -13.79 0.98 -17.59
C LEU A 740 -13.46 2.38 -17.08
N ILE A 741 -12.22 2.58 -16.64
CA ILE A 741 -11.84 3.86 -16.03
C ILE A 741 -12.24 5.01 -16.96
N ASN A 742 -11.70 4.99 -18.17
CA ASN A 742 -12.02 6.04 -19.13
C ASN A 742 -13.52 6.26 -19.23
N LEU A 743 -14.28 5.17 -19.36
CA LEU A 743 -15.73 5.31 -19.51
C LEU A 743 -16.29 6.15 -18.37
N THR A 744 -15.96 5.80 -17.13
CA THR A 744 -16.50 6.54 -15.99
C THR A 744 -16.15 8.02 -16.11
N ASP A 745 -14.90 8.31 -16.49
CA ASP A 745 -14.48 9.70 -16.62
C ASP A 745 -15.35 10.43 -17.63
N ILE A 746 -15.66 9.79 -18.76
CA ILE A 746 -16.54 10.42 -19.74
C ILE A 746 -17.88 10.76 -19.10
N LEU A 747 -18.40 9.85 -18.27
CA LEU A 747 -19.63 10.12 -17.56
C LEU A 747 -19.41 11.06 -16.38
N LYS A 748 -18.20 11.07 -15.81
CA LYS A 748 -17.96 11.82 -14.59
C LYS A 748 -18.12 13.32 -14.83
N GLN A 749 -17.57 13.83 -15.92
CA GLN A 749 -17.60 15.27 -16.16
C GLN A 749 -18.15 15.65 -17.52
N GLU A 750 -17.86 14.89 -18.57
CA GLU A 750 -18.27 15.30 -19.91
C GLU A 750 -19.79 15.30 -20.05
N LYS A 751 -20.43 14.21 -19.66
CA LYS A 751 -21.88 14.08 -19.76
C LYS A 751 -22.58 14.28 -18.42
N LYS A 752 -21.88 14.79 -17.41
CA LYS A 752 -22.47 15.01 -16.09
C LYS A 752 -23.30 16.30 -16.11
N ASP A 753 -24.34 16.28 -16.92
CA ASP A 753 -25.27 17.40 -17.02
C ASP A 753 -26.72 16.97 -16.88
N GLU A 754 -27.09 15.81 -17.40
CA GLU A 754 -28.46 15.32 -17.37
C GLU A 754 -28.62 14.26 -16.30
N THR A 755 -29.87 13.85 -16.08
CA THR A 755 -30.17 12.81 -15.12
C THR A 755 -29.64 11.47 -15.61
N GLN A 756 -29.88 10.42 -14.81
CA GLN A 756 -29.31 9.11 -15.10
C GLN A 756 -29.87 8.47 -16.36
N LYS A 757 -30.94 9.02 -16.94
CA LYS A 757 -31.47 8.46 -18.19
C LYS A 757 -30.46 8.60 -19.32
N VAL A 758 -29.95 9.82 -19.54
CA VAL A 758 -28.99 10.04 -20.61
C VAL A 758 -27.68 9.31 -20.30
N GLN A 759 -27.28 9.30 -19.03
CA GLN A 759 -26.08 8.56 -18.65
C GLN A 759 -26.22 7.07 -18.96
N MET A 760 -27.39 6.50 -18.67
CA MET A 760 -27.62 5.09 -18.98
C MET A 760 -27.61 4.84 -20.47
N LYS A 761 -28.24 5.73 -21.24
CA LYS A 761 -28.23 5.57 -22.69
C LYS A 761 -26.81 5.63 -23.24
N PHE A 762 -26.00 6.58 -22.76
CA PHE A 762 -24.62 6.67 -23.20
C PHE A 762 -23.82 5.44 -22.79
N LEU A 763 -24.06 4.92 -21.58
CA LEU A 763 -23.35 3.74 -21.13
C LEU A 763 -23.68 2.54 -22.02
N VAL A 764 -24.96 2.38 -22.36
CA VAL A 764 -25.34 1.29 -23.25
C VAL A 764 -24.69 1.46 -24.61
N GLU A 765 -24.71 2.70 -25.14
CA GLU A 765 -24.10 2.94 -26.44
C GLU A 765 -22.61 2.61 -26.44
N GLN A 766 -21.90 3.02 -25.38
CA GLN A 766 -20.47 2.79 -25.31
C GLN A 766 -20.15 1.31 -25.06
N MET A 767 -21.03 0.59 -24.36
CA MET A 767 -20.82 -0.83 -24.17
C MET A 767 -21.12 -1.64 -25.43
N ARG A 768 -22.01 -1.14 -26.28
CA ARG A 768 -22.29 -1.82 -27.54
C ARG A 768 -21.15 -1.71 -28.53
N ARG A 769 -20.17 -0.83 -28.29
CA ARG A 769 -19.05 -0.70 -29.19
C ARG A 769 -18.19 -1.96 -29.17
N PRO A 770 -17.65 -2.39 -30.32
CA PRO A 770 -16.88 -3.64 -30.33
C PRO A 770 -15.67 -3.62 -29.41
N ASP A 771 -14.99 -2.49 -29.29
CA ASP A 771 -13.81 -2.43 -28.44
C ASP A 771 -14.17 -2.71 -26.98
N PHE A 772 -15.18 -2.01 -26.46
CA PHE A 772 -15.57 -2.22 -25.08
C PHE A 772 -16.06 -3.64 -24.84
N MET A 773 -16.86 -4.16 -25.77
CA MET A 773 -17.38 -5.52 -25.60
C MET A 773 -16.26 -6.55 -25.58
N ASP A 774 -15.27 -6.39 -26.46
CA ASP A 774 -14.19 -7.36 -26.53
C ASP A 774 -13.20 -7.24 -25.39
N ALA A 775 -12.99 -6.02 -24.87
CA ALA A 775 -12.02 -5.83 -23.80
C ALA A 775 -12.56 -6.32 -22.46
N LEU A 776 -13.84 -6.05 -22.17
CA LEU A 776 -14.38 -6.35 -20.84
C LEU A 776 -14.57 -7.84 -20.64
N GLN A 777 -15.12 -8.54 -21.62
CA GLN A 777 -15.47 -9.94 -21.41
C GLN A 777 -14.23 -10.82 -21.39
N GLY A 778 -14.35 -11.96 -20.72
CA GLY A 778 -13.34 -12.99 -20.76
C GLY A 778 -12.03 -12.68 -20.09
N PHE A 779 -12.02 -12.57 -18.75
CA PHE A 779 -10.78 -12.42 -18.02
C PHE A 779 -11.00 -12.79 -16.56
N LEU A 780 -9.91 -13.09 -15.87
CA LEU A 780 -9.99 -13.43 -14.46
C LEU A 780 -10.32 -12.20 -13.63
N SER A 781 -11.25 -12.34 -12.71
CA SER A 781 -11.63 -11.23 -11.85
C SER A 781 -10.45 -10.84 -10.96
N PRO A 782 -10.10 -9.56 -10.88
CA PRO A 782 -9.02 -9.16 -9.97
C PRO A 782 -9.29 -9.48 -8.52
N LEU A 783 -10.55 -9.42 -8.09
CA LEU A 783 -10.88 -9.70 -6.68
C LEU A 783 -10.54 -11.14 -6.32
N ASN A 784 -10.95 -12.08 -7.16
CA ASN A 784 -10.61 -13.49 -6.99
C ASN A 784 -10.22 -14.07 -8.34
N PRO A 785 -8.95 -14.48 -8.52
CA PRO A 785 -8.55 -15.05 -9.81
C PRO A 785 -9.31 -16.31 -10.18
N ALA A 786 -9.89 -17.01 -9.21
CA ALA A 786 -10.66 -18.21 -9.52
C ALA A 786 -11.87 -17.89 -10.39
N HIS A 787 -12.58 -16.81 -10.07
CA HIS A 787 -13.78 -16.47 -10.82
C HIS A 787 -13.40 -15.92 -12.19
N GLN A 788 -14.00 -16.48 -13.24
CA GLN A 788 -13.82 -16.01 -14.60
C GLN A 788 -15.08 -15.29 -15.04
N LEU A 789 -14.92 -14.14 -15.67
CA LEU A 789 -16.04 -13.32 -16.11
C LEU A 789 -16.26 -13.53 -17.60
N GLY A 790 -17.47 -13.92 -17.97
CA GLY A 790 -17.86 -14.14 -19.35
C GLY A 790 -18.56 -12.94 -19.95
N ASN A 791 -19.45 -13.20 -20.90
CA ASN A 791 -20.09 -12.12 -21.63
C ASN A 791 -20.82 -11.19 -20.66
N LEU A 792 -20.63 -9.89 -20.84
CA LEU A 792 -21.36 -8.92 -20.04
C LEU A 792 -22.85 -9.02 -20.30
N ARG A 793 -23.64 -8.92 -19.24
CA ARG A 793 -25.10 -8.89 -19.36
C ARG A 793 -25.53 -7.42 -19.36
N LEU A 794 -25.33 -6.76 -20.50
CA LEU A 794 -25.65 -5.34 -20.60
C LEU A 794 -27.08 -5.04 -20.17
N GLU A 795 -27.93 -6.05 -20.07
CA GLU A 795 -29.30 -5.82 -19.61
C GLU A 795 -29.32 -5.28 -18.19
N GLU A 796 -28.48 -5.83 -17.31
CA GLU A 796 -28.50 -5.51 -15.90
C GLU A 796 -27.37 -4.57 -15.48
N CYS A 797 -26.60 -4.03 -16.42
CA CYS A 797 -25.53 -3.10 -16.11
C CYS A 797 -26.11 -1.69 -16.08
N ARG A 798 -26.15 -1.09 -14.91
CA ARG A 798 -26.72 0.24 -14.72
C ARG A 798 -25.76 1.08 -13.89
N ILE A 799 -26.05 2.38 -13.84
CA ILE A 799 -25.30 3.35 -13.05
C ILE A 799 -26.08 3.61 -11.78
N MET A 800 -25.42 3.42 -10.63
CA MET A 800 -26.11 3.43 -9.35
C MET A 800 -26.65 4.83 -9.04
N SER A 801 -27.50 4.88 -8.01
CA SER A 801 -27.99 6.13 -7.45
C SER A 801 -27.07 6.70 -6.38
N SER A 802 -25.97 6.01 -6.07
CA SER A 802 -25.04 6.49 -5.06
C SER A 802 -24.42 7.81 -5.51
N ALA A 803 -23.98 8.61 -4.54
CA ALA A 803 -23.46 9.93 -4.84
C ALA A 803 -22.33 9.87 -5.86
N LYS A 804 -21.42 8.91 -5.70
CA LYS A 804 -20.31 8.79 -6.64
C LYS A 804 -20.72 8.20 -7.98
N ARG A 805 -21.90 7.59 -8.05
CA ARG A 805 -22.41 7.03 -9.30
C ARG A 805 -21.45 5.98 -9.84
N PRO A 806 -21.31 4.85 -9.15
CA PRO A 806 -20.40 3.79 -9.62
C PRO A 806 -21.04 3.00 -10.76
N LEU A 807 -20.31 1.99 -11.21
CA LEU A 807 -20.76 1.12 -12.28
C LEU A 807 -21.19 -0.23 -11.71
N TRP A 808 -22.39 -0.66 -12.09
CA TRP A 808 -23.00 -1.89 -11.60
C TRP A 808 -22.81 -2.97 -12.67
N LEU A 809 -21.61 -3.53 -12.70
CA LEU A 809 -21.21 -4.41 -13.80
C LEU A 809 -21.65 -5.84 -13.52
N ASN A 810 -22.36 -6.43 -14.48
CA ASN A 810 -22.91 -7.76 -14.38
C ASN A 810 -22.27 -8.67 -15.42
N TRP A 811 -21.86 -9.86 -15.02
CA TRP A 811 -21.15 -10.80 -15.88
C TRP A 811 -21.77 -12.19 -15.73
N GLU A 812 -21.48 -13.04 -16.70
CA GLU A 812 -21.87 -14.43 -16.62
C GLU A 812 -20.75 -15.25 -16.00
N ASN A 813 -20.98 -16.55 -15.86
CA ASN A 813 -19.97 -17.48 -15.35
C ASN A 813 -19.64 -18.50 -16.43
N PRO A 814 -18.49 -18.40 -17.10
CA PRO A 814 -18.19 -19.32 -18.19
C PRO A 814 -18.06 -20.78 -17.75
N ASP A 815 -17.91 -21.05 -16.45
CA ASP A 815 -17.67 -22.41 -16.01
C ASP A 815 -18.86 -23.30 -16.34
N ILE A 816 -18.56 -24.58 -16.60
CA ILE A 816 -19.60 -25.53 -16.95
C ILE A 816 -20.58 -25.71 -15.80
N MET A 817 -20.05 -25.89 -14.59
CA MET A 817 -20.88 -26.06 -13.40
C MET A 817 -21.13 -24.73 -12.70
N SER A 818 -21.64 -23.76 -13.46
CA SER A 818 -21.94 -22.45 -12.90
C SER A 818 -23.22 -22.46 -12.07
N GLU A 819 -24.14 -23.37 -12.37
CA GLU A 819 -25.41 -23.40 -11.66
C GLU A 819 -25.23 -23.70 -10.18
N LEU A 820 -24.15 -24.39 -9.81
CA LEU A 820 -23.96 -24.78 -8.41
C LEU A 820 -23.62 -23.57 -7.55
N LEU A 821 -22.52 -22.88 -7.85
CA LEU A 821 -22.15 -21.72 -7.04
C LEU A 821 -23.01 -20.51 -7.41
N PHE A 822 -22.84 -19.97 -8.60
CA PHE A 822 -23.60 -18.80 -9.01
C PHE A 822 -23.48 -18.54 -10.51
N GLN A 823 -24.63 -18.38 -11.18
CA GLN A 823 -24.66 -18.22 -12.63
C GLN A 823 -24.26 -16.83 -13.08
N ASN A 824 -24.33 -15.84 -12.21
CA ASN A 824 -23.97 -14.47 -12.54
C ASN A 824 -23.02 -13.91 -11.49
N ASN A 825 -22.07 -13.10 -11.95
CA ASN A 825 -21.05 -12.52 -11.10
C ASN A 825 -21.13 -11.01 -11.22
N GLU A 826 -21.31 -10.32 -10.10
CA GLU A 826 -21.55 -8.89 -10.14
C GLU A 826 -20.46 -8.15 -9.38
N ILE A 827 -20.15 -6.94 -9.84
CA ILE A 827 -19.11 -6.13 -9.23
C ILE A 827 -19.50 -4.66 -9.34
N ILE A 828 -18.94 -3.85 -8.46
CA ILE A 828 -19.16 -2.41 -8.44
C ILE A 828 -17.83 -1.74 -8.72
N PHE A 829 -17.81 -0.86 -9.72
CA PHE A 829 -16.62 -0.11 -10.09
C PHE A 829 -16.79 1.32 -9.59
N LYS A 830 -15.97 1.72 -8.63
CA LYS A 830 -16.08 3.03 -8.02
C LYS A 830 -14.89 3.89 -8.45
N ASN A 831 -15.18 5.06 -8.99
CA ASN A 831 -14.17 6.01 -9.45
C ASN A 831 -14.17 7.23 -8.54
N GLY A 832 -13.03 7.53 -7.95
CA GLY A 832 -12.86 8.72 -7.15
C GLY A 832 -12.93 8.52 -5.65
N ASP A 833 -13.31 7.35 -5.18
CA ASP A 833 -13.44 7.06 -3.76
C ASP A 833 -12.31 6.14 -3.33
N ASP A 834 -11.51 6.58 -2.35
CA ASP A 834 -10.43 5.75 -1.85
C ASP A 834 -10.98 4.46 -1.27
N LEU A 835 -10.36 3.34 -1.63
CA LEU A 835 -10.80 2.03 -1.18
C LEU A 835 -9.76 1.31 -0.33
N ARG A 836 -8.71 2.00 0.09
CA ARG A 836 -7.79 1.39 1.04
C ARG A 836 -8.36 1.38 2.45
N GLN A 837 -9.20 2.36 2.78
CA GLN A 837 -9.90 2.34 4.07
C GLN A 837 -10.81 1.12 4.19
N ASP A 838 -11.62 0.87 3.16
CA ASP A 838 -12.50 -0.29 3.18
C ASP A 838 -11.70 -1.59 3.19
N MET A 839 -10.60 -1.64 2.43
CA MET A 839 -9.75 -2.82 2.46
C MET A 839 -9.22 -3.08 3.87
N LEU A 840 -8.75 -2.03 4.54
CA LEU A 840 -8.23 -2.21 5.89
C LEU A 840 -9.32 -2.65 6.86
N THR A 841 -10.50 -2.02 6.80
CA THR A 841 -11.56 -2.42 7.70
C THR A 841 -11.99 -3.87 7.46
N LEU A 842 -12.08 -4.28 6.19
CA LEU A 842 -12.48 -5.66 5.89
C LEU A 842 -11.42 -6.65 6.32
N GLN A 843 -10.14 -6.31 6.15
CA GLN A 843 -9.08 -7.20 6.64
C GLN A 843 -9.15 -7.33 8.16
N ILE A 844 -9.40 -6.22 8.85
CA ILE A 844 -9.51 -6.28 10.31
C ILE A 844 -10.72 -7.08 10.73
N ILE A 845 -11.83 -6.96 10.00
CA ILE A 845 -13.01 -7.76 10.31
C ILE A 845 -12.75 -9.23 10.08
N ARG A 846 -12.01 -9.57 9.02
CA ARG A 846 -11.63 -10.96 8.79
C ARG A 846 -10.79 -11.50 9.93
N ILE A 847 -9.84 -10.71 10.41
CA ILE A 847 -9.00 -11.14 11.53
C ILE A 847 -9.83 -11.29 12.80
N MET A 848 -10.78 -10.38 13.02
CA MET A 848 -11.68 -10.51 14.16
C MET A 848 -12.48 -11.80 14.08
N GLU A 849 -13.01 -12.11 12.90
CA GLU A 849 -13.79 -13.34 12.73
C GLU A 849 -12.93 -14.56 12.98
N ASN A 850 -11.68 -14.54 12.50
CA ASN A 850 -10.80 -15.67 12.78
C ASN A 850 -10.54 -15.83 14.28
N ILE A 851 -10.31 -14.72 14.97
CA ILE A 851 -10.07 -14.78 16.42
C ILE A 851 -11.28 -15.38 17.11
N TRP A 852 -12.48 -14.92 16.74
CA TRP A 852 -13.68 -15.39 17.41
C TRP A 852 -13.99 -16.84 17.07
N GLN A 853 -13.69 -17.27 15.84
CA GLN A 853 -13.84 -18.68 15.50
C GLN A 853 -12.93 -19.55 16.35
N ASN A 854 -11.67 -19.12 16.50
CA ASN A 854 -10.75 -19.88 17.35
C ASN A 854 -11.22 -19.91 18.80
N GLN A 855 -11.73 -18.78 19.30
CA GLN A 855 -12.16 -18.72 20.70
C GLN A 855 -13.40 -19.57 20.96
N GLY A 856 -14.12 -19.96 19.92
CA GLY A 856 -15.36 -20.69 20.08
C GLY A 856 -16.61 -19.86 19.93
N LEU A 857 -16.48 -18.57 19.62
CA LEU A 857 -17.62 -17.68 19.42
C LEU A 857 -17.93 -17.65 17.93
N ASP A 858 -18.96 -18.40 17.53
CA ASP A 858 -19.31 -18.48 16.12
C ASP A 858 -20.04 -17.22 15.66
N LEU A 859 -19.33 -16.10 15.63
CA LEU A 859 -19.88 -14.85 15.10
C LEU A 859 -19.53 -14.77 13.62
N ARG A 860 -20.56 -14.64 12.78
CA ARG A 860 -20.39 -14.68 11.33
C ARG A 860 -20.54 -13.30 10.74
N MET A 861 -19.60 -12.92 9.88
CA MET A 861 -19.57 -11.60 9.26
C MET A 861 -19.27 -11.76 7.77
N LEU A 862 -19.57 -10.71 7.02
CA LEU A 862 -19.26 -10.66 5.59
C LEU A 862 -18.11 -9.71 5.34
N PRO A 863 -16.87 -10.18 5.41
CA PRO A 863 -15.73 -9.38 4.92
C PRO A 863 -15.53 -9.60 3.42
N TYR A 864 -16.43 -9.01 2.63
CA TYR A 864 -16.42 -9.27 1.19
C TYR A 864 -15.15 -8.70 0.56
N GLY A 865 -15.04 -8.88 -0.75
CA GLY A 865 -13.84 -8.47 -1.45
C GLY A 865 -13.85 -6.99 -1.81
N CYS A 866 -12.65 -6.43 -1.86
CA CYS A 866 -12.46 -5.03 -2.21
C CYS A 866 -11.02 -4.84 -2.62
N LEU A 867 -10.80 -4.30 -3.81
CA LEU A 867 -9.45 -3.95 -4.26
C LEU A 867 -9.40 -2.50 -4.73
N SER A 868 -8.27 -1.86 -4.46
CA SER A 868 -7.91 -0.59 -5.06
C SER A 868 -6.91 -0.87 -6.19
N ILE A 869 -7.30 -0.55 -7.41
CA ILE A 869 -6.50 -0.84 -8.59
C ILE A 869 -5.68 0.38 -9.03
N GLY A 870 -5.58 1.40 -8.18
CA GLY A 870 -4.93 2.64 -8.51
C GLY A 870 -5.09 3.65 -7.39
N ASP A 871 -5.51 4.87 -7.71
CA ASP A 871 -5.87 5.86 -6.71
C ASP A 871 -7.28 6.36 -6.99
N CYS A 872 -8.17 6.24 -6.01
CA CYS A 872 -9.57 6.62 -6.14
C CYS A 872 -10.32 5.78 -7.16
N VAL A 873 -9.78 4.63 -7.54
CA VAL A 873 -10.43 3.70 -8.44
C VAL A 873 -10.40 2.33 -7.79
N GLY A 874 -11.54 1.64 -7.78
CA GLY A 874 -11.61 0.38 -7.07
C GLY A 874 -12.75 -0.50 -7.48
N LEU A 875 -12.61 -1.77 -7.11
CA LEU A 875 -13.60 -2.81 -7.36
C LEU A 875 -14.14 -3.33 -6.02
N ILE A 876 -15.46 -3.47 -5.94
CA ILE A 876 -16.14 -3.92 -4.73
C ILE A 876 -17.05 -5.09 -5.10
N GLU A 877 -16.94 -6.19 -4.37
CA GLU A 877 -17.84 -7.31 -4.58
C GLU A 877 -19.27 -6.91 -4.22
N VAL A 878 -20.23 -7.50 -4.94
CA VAL A 878 -21.65 -7.29 -4.66
C VAL A 878 -22.20 -8.59 -4.09
N VAL A 879 -22.78 -8.49 -2.89
CA VAL A 879 -23.42 -9.61 -2.24
C VAL A 879 -24.87 -9.67 -2.71
N ARG A 880 -25.30 -10.84 -3.15
CA ARG A 880 -26.58 -11.01 -3.81
C ARG A 880 -27.59 -11.68 -2.88
N ASN A 881 -28.86 -11.48 -3.19
CA ASN A 881 -29.97 -11.97 -2.39
C ASN A 881 -30.06 -11.27 -1.04
N SER A 882 -29.40 -10.13 -0.89
CA SER A 882 -29.42 -9.36 0.34
C SER A 882 -30.01 -7.99 0.06
N HIS A 883 -30.93 -7.55 0.93
CA HIS A 883 -31.61 -6.28 0.77
C HIS A 883 -31.19 -5.32 1.87
N THR A 884 -31.02 -4.05 1.52
CA THR A 884 -30.69 -3.05 2.52
C THR A 884 -31.83 -2.94 3.53
N ILE A 885 -31.47 -2.62 4.78
CA ILE A 885 -32.47 -2.53 5.84
C ILE A 885 -33.54 -1.51 5.47
N MET A 886 -33.17 -0.45 4.75
CA MET A 886 -34.16 0.53 4.32
C MET A 886 -35.17 -0.10 3.37
N GLN A 887 -34.70 -0.91 2.41
CA GLN A 887 -35.62 -1.54 1.48
C GLN A 887 -36.58 -2.49 2.18
N ILE A 888 -36.06 -3.30 3.12
CA ILE A 888 -36.91 -4.24 3.82
C ILE A 888 -38.01 -3.52 4.57
N GLN A 889 -37.64 -2.47 5.31
CA GLN A 889 -38.64 -1.67 6.01
C GLN A 889 -39.59 -0.98 5.03
N CYS A 890 -39.05 -0.44 3.94
CA CYS A 890 -39.89 0.23 2.96
C CYS A 890 -40.86 -0.75 2.31
N LYS A 891 -40.38 -1.95 1.98
CA LYS A 891 -41.23 -2.97 1.36
C LYS A 891 -42.25 -3.51 2.35
N ASN A 901 -43.20 0.84 10.23
CA ASN A 901 -43.47 0.30 11.55
C ASN A 901 -42.24 -0.41 12.11
N SER A 902 -42.19 -0.57 13.43
CA SER A 902 -41.07 -1.23 14.08
C SER A 902 -41.05 -2.73 13.87
N HIS A 903 -42.12 -3.32 13.32
CA HIS A 903 -42.20 -4.75 13.11
C HIS A 903 -42.04 -5.16 11.66
N THR A 904 -41.78 -4.22 10.75
CA THR A 904 -41.67 -4.57 9.33
C THR A 904 -40.50 -5.51 9.09
N LEU A 905 -39.35 -5.20 9.67
CA LEU A 905 -38.18 -6.05 9.47
C LEU A 905 -38.42 -7.45 10.02
N HIS A 906 -39.01 -7.56 11.20
CA HIS A 906 -39.29 -8.87 11.78
C HIS A 906 -40.32 -9.62 10.95
N GLN A 907 -41.35 -8.93 10.46
CA GLN A 907 -42.35 -9.59 9.62
C GLN A 907 -41.70 -10.14 8.36
N TRP A 908 -40.82 -9.35 7.74
CA TRP A 908 -40.13 -9.82 6.54
C TRP A 908 -39.25 -11.03 6.84
N LEU A 909 -38.51 -10.98 7.96
CA LEU A 909 -37.66 -12.12 8.31
C LEU A 909 -38.50 -13.37 8.54
N LYS A 910 -39.65 -13.22 9.20
CA LYS A 910 -40.53 -14.36 9.40
C LYS A 910 -41.04 -14.90 8.07
N ASP A 911 -41.43 -14.00 7.15
CA ASP A 911 -41.93 -14.45 5.86
C ASP A 911 -40.87 -15.22 5.08
N LYS A 912 -39.63 -14.71 5.07
CA LYS A 912 -38.59 -15.35 4.29
C LYS A 912 -38.14 -16.69 4.87
N ASN A 913 -38.53 -17.01 6.10
CA ASN A 913 -38.09 -18.25 6.74
C ASN A 913 -39.26 -18.91 7.47
N LYS A 914 -40.42 -18.97 6.80
CA LYS A 914 -41.57 -19.63 7.40
C LYS A 914 -41.28 -21.10 7.66
N GLY A 915 -41.62 -21.57 8.86
CA GLY A 915 -41.39 -22.95 9.22
C GLY A 915 -40.36 -23.09 10.33
N GLU A 916 -39.64 -24.22 10.33
CA GLU A 916 -38.64 -24.48 11.35
C GLU A 916 -37.35 -23.69 11.15
N ILE A 917 -37.14 -23.10 9.97
CA ILE A 917 -35.95 -22.32 9.72
C ILE A 917 -35.90 -21.04 10.54
N TYR A 918 -36.97 -20.73 11.27
CA TYR A 918 -37.02 -19.51 12.06
C TYR A 918 -35.94 -19.49 13.13
N ASP A 919 -35.70 -20.64 13.78
CA ASP A 919 -34.70 -20.70 14.83
C ASP A 919 -33.33 -20.30 14.29
N ALA A 920 -32.92 -20.89 13.17
CA ALA A 920 -31.63 -20.55 12.59
C ALA A 920 -31.62 -19.11 12.08
N ALA A 921 -32.71 -18.66 11.46
CA ALA A 921 -32.76 -17.31 10.93
C ALA A 921 -32.66 -16.26 12.03
N ILE A 922 -33.07 -16.60 13.25
CA ILE A 922 -32.93 -15.67 14.37
C ILE A 922 -31.56 -15.80 15.03
N ASP A 923 -31.06 -17.03 15.19
CA ASP A 923 -29.76 -17.22 15.83
C ASP A 923 -28.64 -16.58 15.01
N LEU A 924 -28.65 -16.79 13.69
CA LEU A 924 -27.63 -16.18 12.85
C LEU A 924 -27.73 -14.67 12.86
N PHE A 925 -28.96 -14.15 12.81
CA PHE A 925 -29.13 -12.70 12.85
C PHE A 925 -28.54 -12.13 14.12
N THR A 926 -28.84 -12.74 15.28
CA THR A 926 -28.33 -12.21 16.54
C THR A 926 -26.80 -12.33 16.61
N ARG A 927 -26.26 -13.45 16.14
CA ARG A 927 -24.79 -13.61 16.20
C ARG A 927 -24.09 -12.57 15.33
N SER A 928 -24.59 -12.35 14.12
CA SER A 928 -24.00 -11.34 13.25
C SER A 928 -24.16 -9.95 13.86
N CYS A 929 -25.32 -9.67 14.44
CA CYS A 929 -25.54 -8.37 15.06
C CYS A 929 -24.56 -8.14 16.20
N ALA A 930 -24.32 -9.15 17.02
CA ALA A 930 -23.32 -9.02 18.08
C ALA A 930 -21.92 -8.79 17.50
N GLY A 931 -21.57 -9.55 16.47
CA GLY A 931 -20.24 -9.40 15.89
C GLY A 931 -19.98 -8.00 15.38
N TYR A 932 -20.93 -7.45 14.63
CA TYR A 932 -20.78 -6.07 14.17
C TYR A 932 -20.91 -5.05 15.30
N CYS A 933 -21.74 -5.29 16.29
CA CYS A 933 -21.77 -4.36 17.40
C CYS A 933 -20.38 -4.20 17.99
N VAL A 934 -19.75 -5.32 18.33
CA VAL A 934 -18.41 -5.27 18.91
C VAL A 934 -17.41 -4.67 17.92
N ALA A 935 -17.46 -5.10 16.66
CA ALA A 935 -16.44 -4.72 15.70
C ALA A 935 -16.50 -3.23 15.37
N THR A 936 -17.70 -2.70 15.13
CA THR A 936 -17.86 -1.29 14.84
C THR A 936 -17.77 -0.42 16.08
N PHE A 937 -17.91 -0.99 17.27
CA PHE A 937 -17.55 -0.22 18.47
C PHE A 937 -16.03 -0.10 18.58
N ILE A 938 -15.31 -1.19 18.39
CA ILE A 938 -13.85 -1.16 18.58
C ILE A 938 -13.19 -0.29 17.53
N LEU A 939 -13.53 -0.47 16.26
CA LEU A 939 -12.91 0.28 15.19
C LEU A 939 -13.57 1.64 14.96
N GLY A 940 -14.68 1.92 15.63
CA GLY A 940 -15.30 3.23 15.48
C GLY A 940 -15.72 3.55 14.06
N ILE A 941 -16.24 2.56 13.33
CA ILE A 941 -16.69 2.81 11.97
C ILE A 941 -17.76 3.90 11.97
N GLY A 942 -17.89 4.57 10.84
CA GLY A 942 -18.81 5.68 10.70
C GLY A 942 -20.22 5.37 11.15
N ASP A 943 -20.99 6.39 11.52
CA ASP A 943 -22.33 6.17 12.03
C ASP A 943 -23.20 5.51 10.97
N ARG A 944 -24.09 4.63 11.41
CA ARG A 944 -24.85 3.75 10.54
C ARG A 944 -26.30 4.20 10.45
N HIS A 945 -26.75 4.49 9.25
CA HIS A 945 -28.18 4.61 9.00
C HIS A 945 -28.68 3.31 8.40
N ASN A 946 -29.93 3.31 7.91
CA ASN A 946 -30.51 2.11 7.34
C ASN A 946 -29.75 1.65 6.10
N SER A 947 -29.32 2.60 5.26
CA SER A 947 -28.72 2.25 3.98
C SER A 947 -27.43 1.48 4.12
N ASN A 948 -26.72 1.59 5.24
CA ASN A 948 -25.43 0.94 5.39
C ASN A 948 -25.54 -0.46 5.98
N ILE A 949 -26.72 -0.89 6.40
CA ILE A 949 -26.92 -2.21 6.96
C ILE A 949 -27.93 -2.95 6.09
N MET A 950 -27.56 -4.13 5.63
CA MET A 950 -28.44 -4.94 4.81
C MET A 950 -28.42 -6.39 5.29
N VAL A 951 -29.56 -7.04 5.12
CA VAL A 951 -29.78 -8.39 5.61
C VAL A 951 -30.04 -9.31 4.44
N LYS A 952 -29.46 -10.51 4.49
CA LYS A 952 -29.78 -11.53 3.51
C LYS A 952 -31.17 -12.10 3.78
N ASP A 953 -31.73 -12.79 2.79
CA ASP A 953 -32.98 -13.49 3.01
C ASP A 953 -32.84 -14.52 4.12
N ASP A 954 -31.64 -15.11 4.26
CA ASP A 954 -31.42 -16.08 5.32
C ASP A 954 -31.57 -15.43 6.70
N GLY A 955 -31.02 -14.24 6.88
CA GLY A 955 -31.13 -13.54 8.14
C GLY A 955 -29.88 -12.78 8.52
N GLN A 956 -28.74 -13.13 7.93
CA GLN A 956 -27.49 -12.47 8.27
C GLN A 956 -27.57 -10.97 7.99
N LEU A 957 -26.81 -10.20 8.76
CA LEU A 957 -26.85 -8.75 8.70
C LEU A 957 -25.43 -8.22 8.57
N PHE A 958 -25.19 -7.36 7.59
CA PHE A 958 -23.84 -6.85 7.35
C PHE A 958 -23.87 -5.38 6.95
N HIS A 959 -22.78 -4.70 7.28
CA HIS A 959 -22.57 -3.31 6.88
C HIS A 959 -21.75 -3.29 5.60
N ILE A 960 -22.11 -2.38 4.69
CA ILE A 960 -21.53 -2.42 3.35
C ILE A 960 -20.42 -1.39 3.18
N ASP A 961 -20.75 -0.12 3.27
CA ASP A 961 -19.76 0.93 3.00
C ASP A 961 -19.04 1.33 4.28
N PHE A 962 -17.81 1.80 4.11
CA PHE A 962 -16.95 2.20 5.21
C PHE A 962 -16.33 3.54 4.84
N GLY A 963 -15.32 3.95 5.59
CA GLY A 963 -14.64 5.19 5.29
C GLY A 963 -14.60 6.15 6.45
N HIS A 964 -14.84 5.64 7.66
CA HIS A 964 -14.67 6.39 8.90
C HIS A 964 -14.07 5.48 9.97
N PHE A 965 -13.08 4.68 9.58
CA PHE A 965 -12.69 3.51 10.35
C PHE A 965 -11.88 3.83 11.60
N LEU A 966 -11.74 5.10 11.99
CA LEU A 966 -11.17 5.40 13.30
C LEU A 966 -11.85 6.61 13.93
N ASP A 967 -13.12 6.84 13.61
CA ASP A 967 -13.86 8.00 14.08
C ASP A 967 -13.04 9.28 13.93
N HIS A 968 -12.73 9.59 12.67
CA HIS A 968 -11.95 10.78 12.34
C HIS A 968 -12.80 12.03 12.23
N LYS A 969 -14.11 11.93 12.45
CA LYS A 969 -15.00 13.09 12.41
C LYS A 969 -14.85 13.90 13.70
N LYS A 970 -13.65 14.40 13.91
CA LYS A 970 -13.33 15.20 15.09
C LYS A 970 -13.42 14.35 16.35
N GLU A 978 -16.57 5.03 22.41
CA GLU A 978 -16.88 6.41 22.06
C GLU A 978 -17.53 6.50 20.68
N ARG A 979 -18.63 7.25 20.61
CA ARG A 979 -19.37 7.44 19.35
C ARG A 979 -19.84 6.10 18.80
N VAL A 980 -20.72 5.45 19.54
CA VAL A 980 -21.31 4.18 19.13
C VAL A 980 -22.02 4.36 17.80
N PRO A 981 -21.49 3.82 16.69
CA PRO A 981 -22.14 4.01 15.39
C PRO A 981 -23.31 3.06 15.17
N PHE A 982 -23.22 1.85 15.73
CA PHE A 982 -24.21 0.80 15.50
C PHE A 982 -25.16 0.64 16.67
N VAL A 983 -25.60 1.75 17.27
CA VAL A 983 -26.63 1.70 18.30
C VAL A 983 -27.77 0.82 17.80
N LEU A 984 -28.10 -0.21 18.58
CA LEU A 984 -29.13 -1.15 18.18
C LEU A 984 -30.50 -0.46 18.10
N THR A 985 -31.06 -0.43 16.90
CA THR A 985 -32.37 0.17 16.70
C THR A 985 -33.45 -0.70 17.35
N GLN A 986 -34.66 -0.14 17.43
CA GLN A 986 -35.78 -0.90 18.02
C GLN A 986 -36.06 -2.17 17.22
N ASP A 987 -36.02 -2.08 15.89
CA ASP A 987 -36.33 -3.24 15.07
C ASP A 987 -35.33 -4.36 15.28
N PHE A 988 -34.05 -4.02 15.41
CA PHE A 988 -33.04 -5.05 15.64
C PHE A 988 -33.30 -5.78 16.95
N LEU A 989 -33.65 -5.05 18.01
CA LEU A 989 -33.91 -5.70 19.29
C LEU A 989 -35.17 -6.53 19.23
N ILE A 990 -36.20 -6.05 18.52
CA ILE A 990 -37.42 -6.83 18.36
C ILE A 990 -37.12 -8.16 17.68
N VAL A 991 -36.31 -8.12 16.61
CA VAL A 991 -35.95 -9.35 15.92
C VAL A 991 -35.13 -10.25 16.83
N ILE A 992 -34.17 -9.69 17.56
CA ILE A 992 -33.33 -10.50 18.42
C ILE A 992 -34.15 -11.21 19.49
N SER A 993 -35.17 -10.52 20.01
CA SER A 993 -36.02 -11.08 21.05
C SER A 993 -37.20 -11.88 20.49
N LYS A 994 -37.30 -12.01 19.17
CA LYS A 994 -38.32 -12.81 18.51
C LYS A 994 -39.71 -12.17 18.56
N GLY A 995 -39.77 -10.87 18.81
CA GLY A 995 -41.04 -10.16 18.76
C GLY A 995 -41.74 -10.09 20.10
N ALA A 996 -41.84 -8.88 20.66
CA ALA A 996 -42.50 -8.67 21.94
C ALA A 996 -42.44 -7.18 22.24
N GLN A 997 -43.08 -6.79 23.34
CA GLN A 997 -43.03 -5.42 23.82
C GLN A 997 -42.20 -5.25 25.08
N GLU A 998 -41.83 -6.34 25.74
CA GLU A 998 -40.92 -6.34 26.88
C GLU A 998 -39.55 -6.86 26.48
N CYS A 999 -39.08 -6.48 25.29
CA CYS A 999 -37.90 -7.08 24.69
C CYS A 999 -36.71 -7.05 25.64
N THR A 1000 -36.41 -5.89 26.21
CA THR A 1000 -35.17 -5.68 26.96
C THR A 1000 -35.10 -6.57 28.20
N LYS A 1001 -36.18 -7.29 28.49
CA LYS A 1001 -36.21 -8.13 29.70
C LYS A 1001 -36.41 -9.60 29.35
N THR A 1002 -35.66 -10.10 28.38
CA THR A 1002 -35.76 -11.49 27.94
C THR A 1002 -34.39 -12.13 27.95
N ARG A 1003 -34.38 -13.47 28.00
CA ARG A 1003 -33.12 -14.20 27.97
C ARG A 1003 -32.37 -13.99 26.66
N GLU A 1004 -33.07 -13.57 25.60
CA GLU A 1004 -32.39 -13.23 24.36
C GLU A 1004 -31.38 -12.11 24.59
N PHE A 1005 -31.78 -11.08 25.33
CA PHE A 1005 -30.84 -10.03 25.71
C PHE A 1005 -29.66 -10.58 26.47
N GLU A 1006 -29.91 -11.47 27.43
CA GLU A 1006 -28.82 -11.99 28.24
C GLU A 1006 -27.80 -12.72 27.38
N ARG A 1007 -28.27 -13.62 26.51
CA ARG A 1007 -27.37 -14.34 25.63
C ARG A 1007 -26.63 -13.39 24.69
N PHE A 1008 -27.35 -12.42 24.14
CA PHE A 1008 -26.75 -11.47 23.20
C PHE A 1008 -25.64 -10.66 23.86
N GLN A 1009 -25.91 -10.14 25.05
CA GLN A 1009 -24.90 -9.35 25.75
C GLN A 1009 -23.73 -10.21 26.19
N GLU A 1010 -23.99 -11.46 26.58
CA GLU A 1010 -22.89 -12.33 26.97
C GLU A 1010 -21.97 -12.60 25.78
N MET A 1011 -22.55 -12.85 24.60
CA MET A 1011 -21.72 -13.06 23.41
C MET A 1011 -20.97 -11.79 23.05
N CYS A 1012 -21.62 -10.63 23.17
CA CYS A 1012 -20.94 -9.37 22.89
C CYS A 1012 -19.74 -9.17 23.82
N TYR A 1013 -19.93 -9.42 25.13
CA TYR A 1013 -18.82 -9.27 26.06
C TYR A 1013 -17.70 -10.25 25.77
N LYS A 1014 -18.06 -11.50 25.45
CA LYS A 1014 -17.04 -12.49 25.14
C LYS A 1014 -16.23 -12.06 23.92
N ALA A 1015 -16.90 -11.59 22.87
CA ALA A 1015 -16.19 -11.13 21.68
C ALA A 1015 -15.31 -9.93 21.99
N TYR A 1016 -15.84 -8.97 22.76
CA TYR A 1016 -15.05 -7.78 23.10
C TYR A 1016 -13.79 -8.15 23.86
N LEU A 1017 -13.91 -9.03 24.86
CA LEU A 1017 -12.73 -9.43 25.62
C LEU A 1017 -11.77 -10.23 24.76
N ALA A 1018 -12.28 -11.10 23.89
CA ALA A 1018 -11.40 -11.86 23.01
C ALA A 1018 -10.59 -10.93 22.12
N ILE A 1019 -11.23 -9.89 21.59
CA ILE A 1019 -10.50 -8.92 20.77
C ILE A 1019 -9.50 -8.16 21.62
N ARG A 1020 -9.93 -7.70 22.80
CA ARG A 1020 -9.06 -6.91 23.67
C ARG A 1020 -7.84 -7.69 24.12
N GLN A 1021 -7.90 -9.03 24.10
CA GLN A 1021 -6.72 -9.82 24.40
C GLN A 1021 -5.75 -9.91 23.22
N HIS A 1022 -6.16 -9.46 22.04
CA HIS A 1022 -5.32 -9.49 20.85
C HIS A 1022 -5.14 -8.09 20.26
N ALA A 1023 -4.89 -7.10 21.12
CA ALA A 1023 -4.79 -5.72 20.68
C ALA A 1023 -3.47 -5.43 19.97
N ASN A 1024 -2.40 -6.16 20.30
CA ASN A 1024 -1.12 -5.90 19.66
C ASN A 1024 -1.22 -6.08 18.15
N LEU A 1025 -1.94 -7.11 17.71
CA LEU A 1025 -2.06 -7.36 16.28
C LEU A 1025 -2.74 -6.20 15.56
N PHE A 1026 -3.83 -5.68 16.14
CA PHE A 1026 -4.56 -4.60 15.47
C PHE A 1026 -3.77 -3.30 15.52
N ILE A 1027 -3.07 -3.06 16.62
CA ILE A 1027 -2.21 -1.88 16.70
C ILE A 1027 -1.12 -1.95 15.64
N ASN A 1028 -0.52 -3.13 15.45
CA ASN A 1028 0.49 -3.30 14.42
C ASN A 1028 -0.09 -3.08 13.03
N LEU A 1029 -1.25 -3.67 12.76
CA LEU A 1029 -1.86 -3.51 11.45
C LEU A 1029 -2.16 -2.05 11.15
N PHE A 1030 -2.60 -1.29 12.15
CA PHE A 1030 -2.91 0.11 11.92
C PHE A 1030 -1.65 0.97 11.83
N SER A 1031 -0.61 0.62 12.59
CA SER A 1031 0.60 1.44 12.60
C SER A 1031 1.47 1.21 11.37
N MET A 1032 1.53 -0.02 10.84
CA MET A 1032 2.36 -0.24 9.66
C MET A 1032 1.80 0.45 8.42
N MET A 1033 0.57 0.95 8.46
CA MET A 1033 -0.02 1.65 7.35
C MET A 1033 -0.38 3.08 7.72
N LEU A 1034 0.50 3.74 8.47
CA LEU A 1034 0.32 5.16 8.75
C LEU A 1034 0.66 5.99 7.52
N GLY A 1035 1.71 5.61 6.79
CA GLY A 1035 2.15 6.32 5.61
C GLY A 1035 1.40 6.01 4.34
N SER A 1036 0.44 5.08 4.38
CA SER A 1036 -0.32 4.74 3.19
C SER A 1036 -1.07 5.94 2.63
N GLY A 1037 -1.31 6.96 3.45
CA GLY A 1037 -1.94 8.18 2.97
C GLY A 1037 -3.45 8.17 2.99
N MET A 1038 -4.08 7.28 3.75
CA MET A 1038 -5.53 7.27 3.81
C MET A 1038 -6.02 8.57 4.44
N PRO A 1039 -7.19 9.06 4.02
CA PRO A 1039 -7.66 10.35 4.54
C PRO A 1039 -7.91 10.35 6.04
N GLU A 1040 -8.07 9.19 6.67
CA GLU A 1040 -8.45 9.11 8.06
C GLU A 1040 -7.52 8.31 8.95
N LEU A 1041 -6.47 7.71 8.40
CA LEU A 1041 -5.43 7.08 9.20
C LEU A 1041 -4.15 7.81 8.88
N GLN A 1042 -3.90 8.91 9.59
CA GLN A 1042 -2.78 9.79 9.28
C GLN A 1042 -2.00 10.27 10.49
N SER A 1043 -2.50 10.09 11.71
CA SER A 1043 -1.78 10.51 12.91
C SER A 1043 -1.99 9.47 14.00
N PHE A 1044 -1.10 9.48 14.98
CA PHE A 1044 -1.14 8.50 16.06
C PHE A 1044 -2.37 8.65 16.95
N ASP A 1045 -3.11 9.75 16.86
CA ASP A 1045 -4.39 9.82 17.57
C ASP A 1045 -5.39 8.82 17.00
N ASP A 1046 -5.28 8.51 15.72
CA ASP A 1046 -6.18 7.53 15.11
C ASP A 1046 -6.02 6.16 15.76
N ILE A 1047 -4.78 5.75 16.02
CA ILE A 1047 -4.57 4.48 16.70
C ILE A 1047 -4.75 4.62 18.20
N ALA A 1048 -4.55 5.82 18.75
CA ALA A 1048 -4.92 6.06 20.14
C ALA A 1048 -6.40 5.83 20.37
N TYR A 1049 -7.22 6.08 19.34
CA TYR A 1049 -8.64 5.76 19.46
C TYR A 1049 -8.86 4.26 19.63
N ILE A 1050 -8.11 3.45 18.89
CA ILE A 1050 -8.19 1.99 19.07
C ILE A 1050 -7.74 1.62 20.47
N ARG A 1051 -6.65 2.21 20.93
CA ARG A 1051 -6.16 1.93 22.27
C ARG A 1051 -7.20 2.29 23.33
N LYS A 1052 -7.95 3.36 23.11
CA LYS A 1052 -8.98 3.75 24.05
C LYS A 1052 -10.16 2.79 24.01
N THR A 1053 -10.65 2.48 22.81
CA THR A 1053 -11.82 1.61 22.69
C THR A 1053 -11.55 0.23 23.27
N LEU A 1054 -10.37 -0.34 23.00
CA LEU A 1054 -10.03 -1.59 23.66
C LEU A 1054 -9.76 -1.41 25.15
N ALA A 1055 -9.64 -0.19 25.63
CA ALA A 1055 -9.38 0.08 27.04
C ALA A 1055 -8.12 -0.67 27.51
N LEU A 1056 -7.04 -0.53 26.74
CA LEU A 1056 -5.82 -1.25 27.06
C LEU A 1056 -5.23 -0.78 28.39
N ASP A 1057 -5.29 0.54 28.65
CA ASP A 1057 -4.69 1.07 29.88
C ASP A 1057 -5.36 0.50 31.12
N LYS A 1058 -6.69 0.38 31.10
CA LYS A 1058 -7.42 -0.16 32.23
C LYS A 1058 -7.16 -1.66 32.37
N THR A 1059 -7.84 -2.27 33.32
CA THR A 1059 -7.73 -3.71 33.55
C THR A 1059 -8.97 -4.42 33.01
N GLU A 1060 -8.90 -5.75 32.97
CA GLU A 1060 -9.94 -6.54 32.32
C GLU A 1060 -11.32 -6.17 32.84
N GLN A 1061 -11.48 -6.17 34.17
CA GLN A 1061 -12.77 -5.80 34.75
C GLN A 1061 -13.13 -4.35 34.40
N GLU A 1062 -12.15 -3.45 34.46
CA GLU A 1062 -12.41 -2.06 34.10
C GLU A 1062 -12.84 -1.94 32.64
N ALA A 1063 -12.18 -2.69 31.75
CA ALA A 1063 -12.53 -2.64 30.34
C ALA A 1063 -13.93 -3.19 30.11
N LEU A 1064 -14.27 -4.30 30.77
CA LEU A 1064 -15.61 -4.85 30.62
C LEU A 1064 -16.67 -3.88 31.11
N GLU A 1065 -16.42 -3.24 32.27
CA GLU A 1065 -17.37 -2.28 32.79
C GLU A 1065 -17.49 -1.07 31.86
N TYR A 1066 -16.38 -0.66 31.25
CA TYR A 1066 -16.42 0.43 30.28
C TYR A 1066 -17.29 0.06 29.08
N PHE A 1067 -17.14 -1.16 28.58
CA PHE A 1067 -17.97 -1.58 27.46
C PHE A 1067 -19.44 -1.66 27.86
N MET A 1068 -19.72 -2.15 29.07
CA MET A 1068 -21.11 -2.19 29.54
C MET A 1068 -21.70 -0.79 29.61
N LYS A 1069 -20.93 0.17 30.14
CA LYS A 1069 -21.41 1.55 30.22
C LYS A 1069 -21.67 2.10 28.84
N GLN A 1070 -20.76 1.84 27.88
CA GLN A 1070 -20.95 2.34 26.53
C GLN A 1070 -22.21 1.73 25.89
N MET A 1071 -22.42 0.43 26.09
CA MET A 1071 -23.64 -0.20 25.58
C MET A 1071 -24.87 0.46 26.17
N ASN A 1072 -24.90 0.62 27.49
CA ASN A 1072 -26.08 1.21 28.14
C ASN A 1072 -26.34 2.61 27.61
N ASP A 1073 -25.27 3.40 27.43
CA ASP A 1073 -25.42 4.73 26.87
C ASP A 1073 -25.96 4.68 25.45
N ALA A 1074 -25.50 3.71 24.65
CA ALA A 1074 -25.87 3.68 23.24
C ALA A 1074 -27.31 3.24 23.05
N HIS A 1075 -27.64 2.02 23.48
CA HIS A 1075 -28.99 1.48 23.27
C HIS A 1075 -29.93 1.81 24.42
N HIS A 1076 -29.72 2.93 25.11
CA HIS A 1076 -30.67 3.45 26.09
C HIS A 1076 -30.84 2.48 27.26
N GLY A 1077 -29.74 1.88 27.68
CA GLY A 1077 -29.76 1.00 28.83
C GLY A 1077 -30.15 -0.43 28.47
N GLY A 1078 -29.80 -1.35 29.37
CA GLY A 1078 -30.08 -2.76 29.17
C GLY A 1078 -28.94 -3.64 29.63
N MET B 325 5.65 22.13 48.98
CA MET B 325 4.81 23.25 48.59
C MET B 325 3.51 22.77 47.97
N SER B 326 2.62 23.71 47.67
CA SER B 326 1.31 23.39 47.11
C SER B 326 1.46 22.95 45.65
N LEU B 327 0.49 22.15 45.22
CA LEU B 327 0.44 21.64 43.84
C LEU B 327 -0.87 22.11 43.20
N GLN B 328 -1.13 21.63 41.98
CA GLN B 328 -2.32 21.99 41.24
C GLN B 328 -2.24 23.41 40.70
N ASP B 329 -1.17 24.13 41.08
CA ASP B 329 -0.92 25.47 40.55
C ASP B 329 0.60 25.68 40.54
N ALA B 330 1.21 25.38 39.40
CA ALA B 330 2.65 25.52 39.25
C ALA B 330 2.99 25.62 37.78
N GLU B 331 4.20 26.11 37.49
CA GLU B 331 4.64 26.25 36.11
C GLU B 331 4.91 24.90 35.46
N TRP B 332 5.61 24.01 36.18
CA TRP B 332 5.94 22.71 35.60
C TRP B 332 4.72 21.82 35.48
N TYR B 333 3.86 21.81 36.48
CA TYR B 333 2.72 20.90 36.49
C TYR B 333 1.73 21.25 35.40
N TRP B 334 1.13 20.22 34.80
CA TRP B 334 0.13 20.41 33.77
C TRP B 334 -1.08 19.50 33.91
N GLY B 335 -1.10 18.61 34.90
CA GLY B 335 -2.23 17.71 35.09
C GLY B 335 -2.48 16.79 33.90
N ARG B 339 -0.73 13.03 25.99
CA ARG B 339 0.64 12.89 25.52
C ARG B 339 0.91 13.78 24.32
N GLU B 340 -0.13 14.00 23.50
CA GLU B 340 0.03 14.86 22.33
C GLU B 340 0.40 16.28 22.76
N GLU B 341 -0.27 16.80 23.78
CA GLU B 341 0.05 18.14 24.25
C GLU B 341 1.48 18.21 24.79
N VAL B 342 1.90 17.18 25.53
CA VAL B 342 3.25 17.16 26.07
C VAL B 342 4.28 17.17 24.94
N ASN B 343 4.05 16.33 23.92
CA ASN B 343 4.97 16.28 22.79
C ASN B 343 5.00 17.62 22.05
N GLU B 344 3.84 18.24 21.84
CA GLU B 344 3.80 19.51 21.15
C GLU B 344 4.54 20.60 21.94
N LYS B 345 4.35 20.63 23.26
CA LYS B 345 5.02 21.63 24.07
C LYS B 345 6.54 21.44 24.07
N LEU B 346 7.00 20.19 24.17
CA LEU B 346 8.42 19.90 24.20
C LEU B 346 9.06 19.81 22.82
N ARG B 347 8.27 19.92 21.76
CA ARG B 347 8.83 19.85 20.41
C ARG B 347 9.78 21.01 20.16
N ASP B 348 10.98 20.68 19.66
CA ASP B 348 11.99 21.69 19.35
C ASP B 348 12.25 22.60 20.55
N THR B 349 12.34 21.98 21.73
CA THR B 349 12.60 22.70 22.96
C THR B 349 14.05 22.54 23.38
N ALA B 350 14.53 23.47 24.20
CA ALA B 350 15.91 23.47 24.61
C ALA B 350 16.20 22.28 25.53
N ASP B 351 17.48 21.95 25.65
CA ASP B 351 17.91 20.88 26.54
C ASP B 351 17.68 21.27 27.99
N GLY B 352 17.36 20.28 28.82
CA GLY B 352 17.11 20.49 30.23
C GLY B 352 15.67 20.79 30.60
N THR B 353 14.80 20.99 29.62
CA THR B 353 13.39 21.25 29.92
C THR B 353 12.77 20.05 30.61
N PHE B 354 11.83 20.32 31.53
CA PHE B 354 11.12 19.26 32.23
C PHE B 354 9.68 19.69 32.48
N LEU B 355 8.75 18.79 32.20
CA LEU B 355 7.33 19.02 32.43
C LEU B 355 6.76 17.83 33.18
N VAL B 356 6.10 18.09 34.30
CA VAL B 356 5.53 17.03 35.13
C VAL B 356 4.03 16.97 34.89
N ARG B 357 3.53 15.77 34.61
CA ARG B 357 2.10 15.57 34.38
C ARG B 357 1.74 14.15 34.78
N ASP B 358 0.46 13.95 35.10
CA ASP B 358 -0.02 12.67 35.57
C ASP B 358 -0.42 11.79 34.39
N ALA B 359 -0.08 10.50 34.48
CA ALA B 359 -0.41 9.54 33.44
C ALA B 359 -0.97 8.25 34.04
N GLY B 365 1.20 7.05 43.10
CA GLY B 365 1.14 8.20 42.24
C GLY B 365 1.91 8.02 40.94
N ASP B 366 1.36 8.54 39.85
CA ASP B 366 2.04 8.43 38.55
C ASP B 366 3.10 9.52 38.40
N TYR B 367 2.66 10.78 38.34
CA TYR B 367 3.56 11.93 38.30
C TYR B 367 4.75 11.69 37.38
N THR B 368 4.44 11.49 36.10
CA THR B 368 5.46 11.28 35.09
C THR B 368 6.12 12.59 34.70
N LEU B 369 7.45 12.62 34.69
CA LEU B 369 8.24 13.78 34.31
C LEU B 369 8.82 13.54 32.93
N THR B 370 8.52 14.45 32.00
CA THR B 370 9.07 14.41 30.65
C THR B 370 10.21 15.41 30.58
N LEU B 371 11.42 14.91 30.36
CA LEU B 371 12.63 15.72 30.33
C LEU B 371 13.27 15.65 28.95
N ARG B 372 13.61 16.80 28.39
CA ARG B 372 14.18 16.87 27.05
C ARG B 372 15.69 16.74 27.14
N LYS B 373 16.24 15.65 26.59
CA LYS B 373 17.68 15.48 26.53
C LYS B 373 18.04 14.70 25.28
N GLY B 374 19.22 14.99 24.74
CA GLY B 374 19.67 14.31 23.53
C GLY B 374 18.73 14.48 22.36
N GLY B 375 17.95 15.56 22.32
CA GLY B 375 17.00 15.76 21.25
C GLY B 375 15.74 14.94 21.37
N ASN B 376 15.55 14.23 22.49
CA ASN B 376 14.40 13.34 22.66
C ASN B 376 13.81 13.55 24.04
N ASN B 377 12.51 13.26 24.15
CA ASN B 377 11.76 13.49 25.40
C ASN B 377 11.76 12.21 26.23
N LYS B 378 12.74 12.09 27.12
CA LYS B 378 12.78 10.97 28.04
C LYS B 378 11.64 11.10 29.05
N LEU B 379 11.19 9.95 29.58
CA LEU B 379 10.15 9.90 30.59
C LEU B 379 10.70 9.24 31.84
N ILE B 380 10.35 9.78 33.00
CA ILE B 380 10.72 9.21 34.29
C ILE B 380 9.47 9.17 35.15
N LYS B 381 9.13 7.99 35.65
CA LYS B 381 7.94 7.84 36.48
C LYS B 381 8.30 8.11 37.94
N ILE B 382 7.55 9.01 38.58
CA ILE B 382 7.78 9.35 39.98
C ILE B 382 7.01 8.36 40.84
N PHE B 383 7.73 7.44 41.48
CA PHE B 383 7.11 6.41 42.29
C PHE B 383 6.60 6.99 43.60
N HIS B 384 5.34 6.72 43.92
CA HIS B 384 4.71 7.13 45.17
C HIS B 384 4.30 5.90 45.94
N ARG B 385 4.95 5.66 47.08
CA ARG B 385 4.65 4.51 47.91
C ARG B 385 4.98 4.82 49.35
N ASP B 386 4.19 4.26 50.26
CA ASP B 386 4.34 4.50 51.69
C ASP B 386 4.27 5.99 52.01
N GLY B 387 3.42 6.71 51.28
CA GLY B 387 3.35 8.15 51.45
C GLY B 387 4.66 8.85 51.19
N LYS B 388 5.42 8.37 50.22
CA LYS B 388 6.73 8.93 49.90
C LYS B 388 6.93 8.95 48.40
N TYR B 389 7.50 10.04 47.89
CA TYR B 389 7.78 10.21 46.48
C TYR B 389 9.26 10.00 46.20
N GLY B 390 9.55 9.42 45.04
CA GLY B 390 10.93 9.20 44.65
C GLY B 390 11.10 8.59 43.27
N PHE B 391 12.16 9.00 42.56
CA PHE B 391 12.45 8.42 41.26
C PHE B 391 12.80 6.94 41.38
N SER B 392 13.69 6.61 42.32
CA SER B 392 14.08 5.23 42.59
C SER B 392 14.09 5.00 44.09
N ASP B 393 13.86 3.76 44.49
CA ASP B 393 13.79 3.42 45.90
C ASP B 393 15.15 3.64 46.56
N PRO B 394 15.16 4.05 47.84
CA PRO B 394 13.95 4.33 48.62
C PRO B 394 13.33 5.69 48.26
N LEU B 395 12.02 5.83 48.50
CA LEU B 395 11.33 7.08 48.24
C LEU B 395 11.56 8.07 49.39
N THR B 396 12.83 8.45 49.55
CA THR B 396 13.21 9.32 50.66
C THR B 396 12.51 10.67 50.57
N PHE B 397 12.44 11.23 49.37
CA PHE B 397 11.87 12.57 49.20
C PHE B 397 10.38 12.56 49.51
N SER B 398 9.90 13.68 50.07
CA SER B 398 8.55 13.73 50.62
C SER B 398 7.50 14.02 49.54
N SER B 399 7.59 15.18 48.89
CA SER B 399 6.52 15.67 48.04
C SER B 399 7.03 15.89 46.62
N VAL B 400 6.11 15.79 45.66
CA VAL B 400 6.47 15.91 44.24
C VAL B 400 7.06 17.29 43.96
N VAL B 401 6.43 18.34 44.50
CA VAL B 401 6.99 19.68 44.35
C VAL B 401 8.37 19.74 44.99
N GLU B 402 8.56 19.03 46.09
CA GLU B 402 9.89 18.94 46.69
C GLU B 402 10.88 18.31 45.72
N LEU B 403 10.47 17.23 45.04
CA LEU B 403 11.35 16.60 44.05
C LEU B 403 11.71 17.56 42.95
N ILE B 404 10.71 18.27 42.41
CA ILE B 404 10.96 19.20 41.32
C ILE B 404 11.91 20.30 41.75
N ASN B 405 11.70 20.86 42.94
CA ASN B 405 12.57 21.92 43.43
C ASN B 405 14.00 21.40 43.65
N HIS B 406 14.13 20.23 44.28
CA HIS B 406 15.44 19.69 44.56
C HIS B 406 16.22 19.42 43.28
N TYR B 407 15.56 18.83 42.28
CA TYR B 407 16.26 18.51 41.04
C TYR B 407 16.34 19.69 40.09
N ARG B 408 15.65 20.79 40.38
CA ARG B 408 15.97 22.06 39.74
C ARG B 408 17.22 22.67 40.36
N ASN B 409 17.41 22.49 41.66
CA ASN B 409 18.62 23.00 42.31
C ASN B 409 19.86 22.27 41.81
N GLU B 410 19.78 20.96 41.62
CA GLU B 410 20.93 20.16 41.23
C GLU B 410 20.58 19.31 40.00
N SER B 411 21.61 18.87 39.30
CA SER B 411 21.42 18.05 38.12
C SER B 411 20.85 16.68 38.50
N LEU B 412 20.15 16.07 37.55
CA LEU B 412 19.49 14.79 37.79
C LEU B 412 20.47 13.64 37.90
N ALA B 413 21.74 13.83 37.55
CA ALA B 413 22.74 12.77 37.63
C ALA B 413 22.90 12.30 39.07
N ASP B 420 22.51 12.71 33.29
CA ASP B 420 23.25 13.82 33.86
C ASP B 420 22.88 15.14 33.19
N VAL B 421 21.82 15.79 33.69
CA VAL B 421 21.38 17.07 33.17
C VAL B 421 20.57 17.80 34.24
N LYS B 422 20.89 19.08 34.45
CA LYS B 422 20.13 19.89 35.39
C LYS B 422 18.77 20.22 34.81
N LEU B 423 17.78 20.31 35.69
CA LEU B 423 16.41 20.65 35.28
C LEU B 423 16.33 22.17 35.12
N LEU B 424 16.54 22.63 33.89
CA LEU B 424 16.54 24.05 33.60
C LEU B 424 15.10 24.55 33.46
N TYR B 425 14.95 25.76 32.93
CA TYR B 425 13.67 26.45 32.80
C TYR B 425 12.57 25.49 32.34
N PRO B 426 11.51 25.34 33.13
CA PRO B 426 10.42 24.43 32.75
C PRO B 426 9.45 25.06 31.78
N VAL B 427 8.39 24.33 31.43
CA VAL B 427 7.38 24.79 30.49
C VAL B 427 6.06 24.95 31.23
N SER B 428 5.50 26.15 31.19
CA SER B 428 4.24 26.45 31.87
C SER B 428 3.27 27.19 30.96
N ASN B 440 -13.96 39.22 28.60
CA ASN B 440 -15.03 38.53 29.30
C ASN B 440 -15.58 37.38 28.47
N ILE B 441 -16.68 36.78 28.94
CA ILE B 441 -17.27 35.65 28.22
C ILE B 441 -17.76 36.10 26.85
N GLU B 442 -18.41 37.27 26.78
CA GLU B 442 -18.85 37.79 25.48
C GLU B 442 -17.66 38.06 24.57
N ALA B 443 -16.60 38.68 25.11
CA ALA B 443 -15.42 38.96 24.31
C ALA B 443 -14.77 37.67 23.83
N VAL B 444 -14.65 36.68 24.71
CA VAL B 444 -14.03 35.42 24.31
C VAL B 444 -14.88 34.72 23.26
N GLY B 445 -16.20 34.78 23.39
CA GLY B 445 -17.07 34.19 22.38
C GLY B 445 -16.92 34.87 21.03
N LYS B 446 -16.88 36.20 21.02
CA LYS B 446 -16.70 36.92 19.76
C LYS B 446 -15.35 36.58 19.13
N LYS B 447 -14.29 36.55 19.95
CA LYS B 447 -12.97 36.19 19.43
C LYS B 447 -12.97 34.77 18.88
N LEU B 448 -13.63 33.84 19.58
CA LEU B 448 -13.68 32.46 19.11
C LEU B 448 -14.41 32.36 17.79
N HIS B 449 -15.54 33.07 17.65
CA HIS B 449 -16.27 33.04 16.39
C HIS B 449 -15.43 33.64 15.25
N GLU B 450 -14.78 34.77 15.50
CA GLU B 450 -13.98 35.39 14.45
C GLU B 450 -12.82 34.49 14.04
N TYR B 451 -12.14 33.87 15.01
CA TYR B 451 -11.03 32.99 14.66
C TYR B 451 -11.51 31.70 14.02
N ASN B 452 -12.71 31.22 14.36
CA ASN B 452 -13.26 30.08 13.65
C ASN B 452 -13.51 30.42 12.19
N THR B 453 -14.09 31.60 11.93
CA THR B 453 -14.28 32.03 10.55
C THR B 453 -12.95 32.17 9.82
N GLN B 454 -11.95 32.75 10.50
CA GLN B 454 -10.64 32.91 9.89
C GLN B 454 -10.01 31.54 9.58
N PHE B 455 -10.15 30.59 10.49
CA PHE B 455 -9.62 29.25 10.26
C PHE B 455 -10.29 28.57 9.08
N GLN B 456 -11.62 28.71 8.97
CA GLN B 456 -12.31 28.16 7.82
C GLN B 456 -11.84 28.80 6.52
N GLU B 457 -11.67 30.12 6.53
CA GLU B 457 -11.17 30.80 5.33
C GLU B 457 -9.78 30.30 4.96
N LYS B 458 -8.89 30.18 5.94
CA LYS B 458 -7.54 29.71 5.67
C LYS B 458 -7.56 28.29 5.14
N SER B 459 -8.39 27.42 5.72
CA SER B 459 -8.47 26.04 5.26
C SER B 459 -8.97 25.98 3.83
N ARG B 460 -10.00 26.78 3.49
CA ARG B 460 -10.51 26.77 2.13
C ARG B 460 -9.45 27.28 1.14
N GLU B 461 -8.75 28.35 1.51
CA GLU B 461 -7.71 28.88 0.64
C GLU B 461 -6.59 27.85 0.43
N TYR B 462 -6.18 27.18 1.50
CA TYR B 462 -5.13 26.17 1.38
C TYR B 462 -5.59 25.00 0.53
N ASP B 463 -6.85 24.58 0.69
CA ASP B 463 -7.37 23.50 -0.12
C ASP B 463 -7.39 23.88 -1.60
N ARG B 464 -7.83 25.10 -1.90
CA ARG B 464 -7.84 25.55 -3.29
C ARG B 464 -6.43 25.60 -3.87
N LEU B 465 -5.47 26.12 -3.09
CA LEU B 465 -4.09 26.15 -3.56
C LEU B 465 -3.55 24.74 -3.78
N TYR B 466 -3.87 23.81 -2.87
CA TYR B 466 -3.37 22.44 -3.00
C TYR B 466 -3.96 21.77 -4.25
N GLU B 467 -5.25 21.96 -4.49
CA GLU B 467 -5.85 21.37 -5.68
C GLU B 467 -5.24 21.97 -6.94
N GLU B 468 -5.04 23.29 -6.97
CA GLU B 468 -4.42 23.91 -8.13
C GLU B 468 -2.99 23.39 -8.31
N TYR B 469 -2.26 23.22 -7.22
CA TYR B 469 -0.90 22.71 -7.29
C TYR B 469 -0.86 21.32 -7.90
N THR B 470 -1.72 20.42 -7.40
CA THR B 470 -1.74 19.06 -7.94
C THR B 470 -2.15 19.04 -9.39
N ARG B 471 -3.17 19.84 -9.76
CA ARG B 471 -3.59 19.88 -11.15
C ARG B 471 -2.45 20.36 -12.05
N THR B 472 -1.87 21.51 -11.72
CA THR B 472 -0.75 22.02 -12.52
C THR B 472 0.38 21.01 -12.59
N SER B 473 0.61 20.24 -11.53
CA SER B 473 1.62 19.19 -11.61
C SER B 473 1.23 18.14 -12.65
N GLN B 474 -0.05 17.77 -12.69
CA GLN B 474 -0.50 16.81 -13.70
C GLN B 474 -0.24 17.32 -15.11
N GLU B 475 -0.69 18.54 -15.41
CA GLU B 475 -0.43 19.11 -16.73
C GLU B 475 1.06 19.27 -17.01
N ILE B 476 1.86 19.60 -16.00
CA ILE B 476 3.30 19.75 -16.21
C ILE B 476 3.89 18.41 -16.64
N GLN B 477 3.53 17.33 -15.94
CA GLN B 477 4.06 16.02 -16.29
C GLN B 477 3.62 15.61 -17.69
N MET B 478 2.34 15.82 -18.02
CA MET B 478 1.86 15.46 -19.34
C MET B 478 2.60 16.24 -20.42
N LYS B 479 2.80 17.54 -20.20
CA LYS B 479 3.48 18.36 -21.19
C LYS B 479 4.92 17.93 -21.36
N ARG B 480 5.61 17.59 -20.26
CA ARG B 480 6.98 17.13 -20.37
C ARG B 480 7.06 15.81 -21.15
N THR B 481 6.13 14.89 -20.89
CA THR B 481 6.11 13.65 -21.65
C THR B 481 5.86 13.91 -23.14
N ALA B 482 4.92 14.81 -23.45
CA ALA B 482 4.66 15.14 -24.84
C ALA B 482 5.89 15.75 -25.51
N ILE B 483 6.61 16.60 -24.78
CA ILE B 483 7.82 17.22 -25.33
C ILE B 483 8.89 16.17 -25.59
N GLU B 484 9.05 15.20 -24.69
CA GLU B 484 10.01 14.13 -24.94
C GLU B 484 9.61 13.30 -26.16
N ALA B 485 8.32 13.02 -26.31
CA ALA B 485 7.85 12.32 -27.49
C ALA B 485 8.15 13.11 -28.75
N PHE B 486 7.96 14.43 -28.70
CA PHE B 486 8.27 15.28 -29.84
C PHE B 486 9.74 15.24 -30.17
N ASN B 487 10.61 15.25 -29.14
CA ASN B 487 12.04 15.13 -29.38
C ASN B 487 12.35 13.83 -30.12
N GLU B 488 11.76 12.72 -29.65
CA GLU B 488 12.01 11.43 -30.28
C GLU B 488 11.53 11.42 -31.73
N THR B 489 10.35 11.95 -31.98
CA THR B 489 9.82 11.99 -33.34
C THR B 489 10.70 12.83 -34.25
N ILE B 490 11.18 13.97 -33.75
CA ILE B 490 12.05 14.84 -34.55
C ILE B 490 13.37 14.13 -34.84
N LYS B 491 13.89 13.38 -33.87
CA LYS B 491 15.12 12.62 -34.13
C LYS B 491 14.90 11.58 -35.21
N ILE B 492 13.77 10.87 -35.16
CA ILE B 492 13.49 9.87 -36.19
C ILE B 492 13.36 10.53 -37.56
N PHE B 493 12.67 11.67 -37.62
CA PHE B 493 12.53 12.37 -38.89
C PHE B 493 13.87 12.87 -39.41
N GLU B 494 14.74 13.34 -38.51
CA GLU B 494 16.07 13.79 -38.92
C GLU B 494 16.87 12.63 -39.49
N GLU B 495 16.79 11.46 -38.86
CA GLU B 495 17.46 10.29 -39.41
C GLU B 495 16.92 9.95 -40.80
N GLN B 496 15.60 10.02 -40.96
CA GLN B 496 15.01 9.73 -42.27
C GLN B 496 15.49 10.72 -43.32
N CYS B 497 15.54 12.01 -42.96
CA CYS B 497 16.01 13.02 -43.91
C CYS B 497 17.47 12.80 -44.28
N GLN B 498 18.30 12.46 -43.29
CA GLN B 498 19.71 12.19 -43.58
C GLN B 498 19.85 11.01 -44.53
N THR B 499 19.10 9.93 -44.28
CA THR B 499 19.17 8.79 -45.18
C THR B 499 18.69 9.15 -46.58
N GLN B 500 17.61 9.91 -46.68
CA GLN B 500 17.10 10.31 -47.99
C GLN B 500 18.11 11.14 -48.74
N GLU B 501 18.75 12.10 -48.06
CA GLU B 501 19.74 12.94 -48.74
C GLU B 501 20.96 12.12 -49.15
N ARG B 502 21.35 11.15 -48.32
CA ARG B 502 22.47 10.30 -48.70
C ARG B 502 22.15 9.45 -49.92
N TYR B 503 20.91 8.99 -50.02
CA TYR B 503 20.54 8.08 -51.10
C TYR B 503 20.14 8.69 -52.42
N SER B 504 19.46 9.83 -52.41
CA SER B 504 18.93 10.36 -53.66
C SER B 504 19.97 10.67 -54.73
N LYS B 505 21.07 11.31 -54.34
CA LYS B 505 22.07 11.68 -55.33
C LYS B 505 22.68 10.44 -55.96
N GLU B 506 23.06 9.49 -55.13
CA GLU B 506 23.68 8.28 -55.64
C GLU B 506 22.73 7.40 -56.44
N TYR B 507 21.54 7.15 -55.90
CA TYR B 507 20.60 6.26 -56.56
C TYR B 507 20.03 6.82 -57.86
N ILE B 508 19.63 8.09 -57.84
CA ILE B 508 19.02 8.69 -59.02
C ILE B 508 19.19 10.18 -59.10
N GLU B 509 20.35 10.64 -59.57
CA GLU B 509 20.51 12.07 -59.78
C GLU B 509 19.89 12.47 -61.11
N LYS B 510 20.24 13.66 -61.61
CA LYS B 510 19.61 14.20 -62.81
C LYS B 510 19.80 13.28 -64.01
N PHE B 511 19.25 13.68 -65.16
CA PHE B 511 19.11 12.77 -66.30
C PHE B 511 20.37 11.97 -66.58
N LYS B 512 21.54 12.43 -66.14
CA LYS B 512 22.78 11.70 -66.37
C LYS B 512 22.60 10.20 -66.13
N ARG B 513 22.24 9.82 -64.90
CA ARG B 513 21.86 8.43 -64.63
C ARG B 513 20.38 8.23 -64.94
N GLU B 514 19.50 8.90 -64.19
CA GLU B 514 18.07 8.87 -64.48
C GLU B 514 17.46 10.13 -63.84
N GLY B 515 17.24 11.15 -64.66
CA GLY B 515 16.69 12.39 -64.15
C GLY B 515 15.77 13.11 -65.12
N ASN B 516 15.24 12.37 -66.10
CA ASN B 516 14.44 13.00 -67.15
C ASN B 516 13.37 13.92 -66.56
N GLU B 517 12.45 13.36 -65.77
CA GLU B 517 11.52 14.19 -65.02
C GLU B 517 11.24 13.65 -63.62
N LYS B 518 11.89 12.56 -63.19
CA LYS B 518 11.61 12.01 -61.87
C LYS B 518 12.18 12.89 -60.77
N GLU B 519 13.42 13.36 -60.93
CA GLU B 519 14.03 14.17 -59.89
C GLU B 519 13.28 15.48 -59.68
N ILE B 520 12.91 16.15 -60.76
CA ILE B 520 12.19 17.41 -60.63
C ILE B 520 10.77 17.17 -60.12
N GLN B 521 10.09 16.17 -60.67
CA GLN B 521 8.69 15.92 -60.32
C GLN B 521 8.54 15.00 -59.11
N ARG B 522 9.42 14.01 -58.96
CA ARG B 522 9.28 13.02 -57.90
C ARG B 522 10.43 13.02 -56.91
N ILE B 523 11.67 12.94 -57.39
CA ILE B 523 12.80 12.75 -56.48
C ILE B 523 12.92 13.96 -55.54
N MET B 524 12.91 15.16 -56.09
CA MET B 524 12.97 16.35 -55.26
C MET B 524 11.63 16.70 -54.64
N HIS B 525 10.53 16.17 -55.17
CA HIS B 525 9.22 16.41 -54.57
C HIS B 525 9.14 15.80 -53.18
N ASN B 526 9.57 14.54 -53.05
CA ASN B 526 9.53 13.88 -51.74
C ASN B 526 10.48 14.57 -50.75
N TYR B 527 11.68 14.94 -51.20
CA TYR B 527 12.63 15.56 -50.30
C TYR B 527 12.08 16.87 -49.74
N ASP B 528 11.45 17.68 -50.59
CA ASP B 528 10.81 18.90 -50.11
C ASP B 528 9.55 18.58 -49.31
N LYS B 529 8.77 17.60 -49.78
CA LYS B 529 7.58 17.21 -49.04
C LYS B 529 7.94 16.67 -47.66
N LEU B 530 9.00 15.86 -47.57
CA LEU B 530 9.44 15.36 -46.28
C LEU B 530 9.88 16.51 -45.37
N LYS B 531 10.60 17.48 -45.92
CA LYS B 531 11.07 18.61 -45.12
C LYS B 531 9.93 19.45 -44.58
N SER B 532 8.77 19.42 -45.23
CA SER B 532 7.63 20.19 -44.75
C SER B 532 7.17 19.70 -43.38
N ARG B 533 7.10 18.39 -43.20
CA ARG B 533 6.62 17.85 -41.93
C ARG B 533 7.67 17.97 -40.84
N ILE B 534 8.94 17.78 -41.17
CA ILE B 534 9.99 17.89 -40.15
C ILE B 534 10.02 19.29 -39.57
N SER B 535 9.93 20.31 -40.42
CA SER B 535 9.92 21.68 -39.93
C SER B 535 8.69 21.95 -39.08
N GLU B 536 7.52 21.49 -39.53
CA GLU B 536 6.30 21.69 -38.73
C GLU B 536 6.38 20.93 -37.42
N ILE B 537 6.96 19.72 -37.44
CA ILE B 537 7.14 18.97 -36.19
C ILE B 537 8.04 19.75 -35.24
N ILE B 538 9.12 20.34 -35.77
CA ILE B 538 9.96 21.20 -34.94
C ILE B 538 9.16 22.39 -34.44
N ASP B 539 8.27 22.92 -35.28
CA ASP B 539 7.44 24.04 -34.87
C ASP B 539 6.55 23.66 -33.69
N SER B 540 5.94 22.48 -33.75
CA SER B 540 5.05 22.07 -32.65
C SER B 540 5.82 21.89 -31.35
N ARG B 541 7.05 21.35 -31.43
CA ARG B 541 7.84 21.19 -30.22
C ARG B 541 8.13 22.54 -29.58
N ARG B 542 8.52 23.53 -30.39
CA ARG B 542 8.80 24.86 -29.84
C ARG B 542 7.55 25.47 -29.21
N ARG B 543 6.41 25.34 -29.88
CA ARG B 543 5.19 25.92 -29.33
C ARG B 543 4.81 25.25 -28.02
N LEU B 544 4.89 23.92 -27.95
CA LEU B 544 4.56 23.23 -26.71
C LEU B 544 5.61 23.46 -25.63
N GLU B 545 6.88 23.56 -26.03
CA GLU B 545 7.93 23.83 -25.04
C GLU B 545 7.72 25.19 -24.38
N GLU B 546 7.31 26.19 -25.17
CA GLU B 546 7.03 27.50 -24.59
C GLU B 546 5.90 27.42 -23.58
N ASP B 547 4.85 26.67 -23.89
CA ASP B 547 3.74 26.53 -22.96
C ASP B 547 4.20 25.87 -21.66
N LEU B 548 5.09 24.90 -21.75
CA LEU B 548 5.58 24.24 -20.54
C LEU B 548 6.29 25.24 -19.63
N LYS B 549 7.11 26.11 -20.20
CA LYS B 549 7.79 27.13 -19.38
C LYS B 549 6.78 28.06 -18.72
N LYS B 550 5.74 28.45 -19.46
CA LYS B 550 4.72 29.32 -18.88
C LYS B 550 4.04 28.64 -17.69
N GLN B 551 3.69 27.37 -17.83
CA GLN B 551 3.06 26.65 -16.73
C GLN B 551 4.00 26.53 -15.54
N ALA B 552 5.30 26.33 -15.80
CA ALA B 552 6.26 26.25 -14.71
C ALA B 552 6.25 27.53 -13.88
N ALA B 553 6.22 28.69 -14.54
CA ALA B 553 6.11 29.95 -13.83
C ALA B 553 4.80 30.02 -13.05
N GLU B 554 3.69 29.71 -13.70
CA GLU B 554 2.41 29.69 -13.01
C GLU B 554 2.40 28.66 -11.90
N TYR B 555 2.94 27.47 -12.17
CA TYR B 555 3.12 26.47 -11.12
C TYR B 555 4.08 26.96 -10.05
N ARG B 556 5.13 27.69 -10.45
CA ARG B 556 6.01 28.33 -9.49
C ARG B 556 5.25 29.27 -8.58
N GLU B 557 4.43 30.14 -9.18
CA GLU B 557 3.69 31.12 -8.39
C GLU B 557 2.71 30.43 -7.43
N ILE B 558 2.07 29.35 -7.89
CA ILE B 558 1.14 28.62 -7.03
C ILE B 558 1.86 28.13 -5.78
N ASP B 559 3.16 27.87 -5.86
CA ASP B 559 3.92 27.48 -4.68
C ASP B 559 4.18 28.67 -3.77
N LYS B 560 4.35 29.87 -4.34
CA LYS B 560 4.61 31.05 -3.51
C LYS B 560 3.46 31.31 -2.56
N ARG B 561 2.23 31.23 -3.05
CA ARG B 561 1.07 31.38 -2.17
C ARG B 561 0.92 30.22 -1.20
N MET B 562 1.47 29.05 -1.53
CA MET B 562 1.37 27.90 -0.65
C MET B 562 2.33 27.98 0.52
N ASN B 563 3.54 28.49 0.30
CA ASN B 563 4.57 28.55 1.33
C ASN B 563 4.52 29.83 2.15
N SER B 564 3.37 30.51 2.16
CA SER B 564 3.19 31.69 3.00
C SER B 564 1.92 31.55 3.82
N ILE B 565 0.94 30.84 3.26
CA ILE B 565 -0.31 30.63 3.98
C ILE B 565 -0.09 29.74 5.20
N LYS B 566 0.80 28.76 5.09
CA LYS B 566 1.05 27.86 6.21
C LYS B 566 1.48 28.59 7.47
N PRO B 567 2.46 29.51 7.42
CA PRO B 567 2.80 30.24 8.65
C PRO B 567 1.63 31.02 9.23
N ASP B 568 0.76 31.56 8.37
CA ASP B 568 -0.38 32.35 8.82
C ASP B 568 -1.58 31.50 9.21
N LEU B 569 -1.55 30.20 8.95
CA LEU B 569 -2.66 29.32 9.30
C LEU B 569 -2.37 28.47 10.52
N ILE B 570 -1.14 27.96 10.66
CA ILE B 570 -0.79 27.20 11.87
C ILE B 570 -0.89 28.09 13.09
N GLN B 571 -0.36 29.32 13.00
CA GLN B 571 -0.52 30.26 14.09
C GLN B 571 -1.98 30.58 14.36
N LEU B 572 -2.83 30.51 13.33
CA LEU B 572 -4.26 30.66 13.54
C LEU B 572 -4.80 29.53 14.42
N ARG B 573 -4.29 28.31 14.23
CA ARG B 573 -4.74 27.20 15.05
C ARG B 573 -4.45 27.43 16.53
N LYS B 574 -3.26 27.95 16.84
CA LYS B 574 -2.92 28.19 18.23
C LYS B 574 -3.85 29.22 18.86
N THR B 575 -4.14 30.31 18.15
CA THR B 575 -5.10 31.28 18.64
C THR B 575 -6.48 30.66 18.77
N ARG B 576 -6.90 29.91 17.75
CA ARG B 576 -8.16 29.17 17.86
C ARG B 576 -8.08 28.11 18.94
N ASP B 577 -6.96 27.38 18.99
CA ASP B 577 -6.82 26.32 19.99
C ASP B 577 -6.88 26.87 21.41
N GLN B 578 -6.19 27.99 21.66
CA GLN B 578 -6.16 28.53 23.01
C GLN B 578 -7.50 29.18 23.39
N TYR B 579 -8.06 29.97 22.49
CA TYR B 579 -9.37 30.59 22.77
C TYR B 579 -10.49 29.56 22.78
N LEU B 580 -10.52 28.67 21.79
CA LEU B 580 -11.58 27.66 21.74
C LEU B 580 -11.49 26.73 22.94
N MET B 581 -10.29 26.34 23.33
CA MET B 581 -10.12 25.43 24.47
C MET B 581 -9.99 26.20 25.77
N TRP B 582 -10.92 27.13 26.00
CA TRP B 582 -11.06 27.80 27.28
C TRP B 582 -12.42 27.52 27.92
N LEU B 583 -13.50 27.83 27.21
CA LEU B 583 -14.87 27.53 27.64
C LEU B 583 -15.05 27.74 29.15
N THR B 584 -14.75 28.96 29.58
CA THR B 584 -14.88 29.32 30.98
C THR B 584 -15.44 30.73 31.14
C1 QIH C . 6.35 5.96 22.73
C10 QIH C . 5.53 4.93 11.28
C11 QIH C . 5.23 5.63 10.12
C12 QIH C . 5.06 8.01 11.01
C13 QIH C . 5.72 8.01 12.23
C14 QIH C . 5.34 8.92 13.26
C15 QIH C . 4.27 9.83 13.04
C16 QIH C . 3.60 9.84 11.78
C17 QIH C . 3.98 8.96 10.76
C18 QIH C . 3.28 9.05 8.12
C19 QIH C . 4.53 8.44 7.58
C2 QIH C . 6.18 5.38 21.30
C20 QIH C . 1.89 9.86 10.15
C21 QIH C . 2.44 10.68 11.26
C22 QIH C . 4.67 4.89 9.06
C23 QIH C . 4.44 3.52 9.21
C24 QIH C . 4.91 3.19 14.95
C25 QIH C . 5.13 3.80 16.20
C26 QIH C . 5.32 5.74 18.50
C27 QIH C . 5.76 6.73 19.58
C3 QIH C . 7.78 5.67 19.78
C4 QIH C . 7.40 4.68 18.68
C5 QIH C . 6.24 4.61 16.40
C6 QIH C . 7.15 4.84 15.36
C7 QIH C . 6.93 4.23 14.11
C8 QIH C . 5.82 3.41 13.89
C9 QIH C . 5.28 3.53 11.37
N1 QIH C . 6.69 6.19 20.44
N2 QIH C . 6.46 5.25 17.73
N3 QIH C . 5.58 2.76 12.59
N4 QIH C . 5.49 7.08 9.99
N5 QIH C . 3.06 9.26 9.59
N6 QIH C . 4.75 2.89 10.35
O1 QIH C . 2.43 9.38 7.37
H1 QIH C . 7.23 6.62 22.75
H2 QIH C . 5.47 6.52 23.00
H3 QIH C . 6.50 5.16 23.44
H4 QIH C . 5.96 5.46 12.12
H5 QIH C . 6.54 7.32 12.41
H6 QIH C . 5.85 8.91 14.22
H7 QIH C . 3.98 10.52 13.81
H8 QIH C . 4.48 7.36 7.68
H9 QIH C . 4.62 8.69 6.54
H10 QIH C . 5.39 8.83 8.13
H11 QIH C . 6.68 4.41 21.26
H12 QIH C . 5.13 5.24 21.12
H13 QIH C . 1.23 9.10 10.55
H14 QIH C . 1.41 10.50 9.41
H15 QIH C . 1.70 10.83 12.04
H16 QIH C . 2.80 11.62 10.88
H17 QIH C . 4.42 5.39 8.13
H18 QIH C . 4.00 2.96 8.39
H19 QIH C . 4.07 2.56 14.79
H20 QIH C . 4.44 3.62 17.00
H21 QIH C . 4.83 4.89 18.96
H22 QIH C . 4.64 6.24 17.83
H23 QIH C . 6.19 7.59 19.10
H24 QIH C . 4.88 7.06 20.14
H25 QIH C . 8.32 6.49 19.32
H26 QIH C . 8.45 5.19 20.49
H27 QIH C . 8.30 4.38 18.15
H28 QIH C . 6.94 3.79 19.14
H29 QIH C . 8.01 5.48 15.52
H30 QIH C . 7.64 4.41 13.29
H32 QIH C . 5.62 1.76 12.53
H33 QIH C . 6.17 7.38 9.32
#